data_7XQG
#
_entry.id   7XQG
#
_cell.length_a   1.00
_cell.length_b   1.00
_cell.length_c   1.00
_cell.angle_alpha   90.00
_cell.angle_beta   90.00
_cell.angle_gamma   90.00
#
_symmetry.space_group_name_H-M   'P 1'
#
loop_
_entity.id
_entity.type
_entity.pdbx_description
1 polymer 'Gap junction alpha-1 protein'
2 non-polymer PHOSPHATIDYLETHANOLAMINE
3 non-polymer 'CHOLESTEROL HEMISUCCINATE'
#
_entity_poly.entity_id   1
_entity_poly.type   'polypeptide(L)'
_entity_poly.pdbx_seq_one_letter_code
;MGDWSALGKLLDKVQAYSTAGGKVWLSVLFIFRILLLGTAVESAWGDEQSAFRCNTQQPGCENVCYDKSFPISHVRFWVL
QIIFVSVPTLLYLAHVFYVMRKEEKLNKKEEELKVAQTDGVNVDMHLKQIEIKKFKYGIEEHGKVKMRGGLLRTYIISIL
FKSIFEVAFLLIQWYIYGFSLSAVYTCKRDPCPHQVDCFLSRPTEKTIFIIFMLVVSLVSLALNIIELFYVFFKGVKDRV
KGKSDPYHATSGALSPA
;
_entity_poly.pdbx_strand_id   A,B,C,D,E,F
#
# COMPACT_ATOMS: atom_id res chain seq x y z
N GLY A 2 11.61 -25.19 -10.37
CA GLY A 2 11.94 -25.49 -11.76
C GLY A 2 10.71 -25.64 -12.64
N ASP A 3 9.95 -24.55 -12.77
CA ASP A 3 8.74 -24.52 -13.58
C ASP A 3 8.72 -23.29 -14.46
N TRP A 4 9.85 -22.98 -15.10
CA TRP A 4 9.96 -21.82 -15.97
C TRP A 4 10.18 -22.20 -17.42
N SER A 5 10.19 -23.49 -17.75
CA SER A 5 10.48 -23.90 -19.12
C SER A 5 9.35 -23.49 -20.07
N ALA A 6 8.10 -23.69 -19.66
CA ALA A 6 6.98 -23.32 -20.54
C ALA A 6 6.90 -21.81 -20.75
N LEU A 7 7.16 -21.03 -19.69
CA LEU A 7 7.16 -19.58 -19.85
C LEU A 7 8.25 -19.13 -20.81
N GLY A 8 9.44 -19.72 -20.69
CA GLY A 8 10.51 -19.39 -21.62
C GLY A 8 10.18 -19.79 -23.05
N LYS A 9 9.54 -20.96 -23.21
CA LYS A 9 9.13 -21.40 -24.54
C LYS A 9 8.15 -20.42 -25.18
N LEU A 10 7.15 -19.99 -24.41
CA LEU A 10 6.19 -19.02 -24.94
C LEU A 10 6.88 -17.70 -25.26
N LEU A 11 7.79 -17.27 -24.39
CA LEU A 11 8.48 -16.00 -24.61
C LEU A 11 9.33 -16.04 -25.88
N ASP A 12 10.04 -17.15 -26.11
CA ASP A 12 10.85 -17.23 -27.32
C ASP A 12 10.02 -17.45 -28.57
N LYS A 13 8.86 -18.10 -28.44
CA LYS A 13 8.02 -18.30 -29.62
C LYS A 13 7.28 -17.04 -30.02
N VAL A 14 6.93 -16.18 -29.05
CA VAL A 14 6.23 -14.95 -29.38
C VAL A 14 7.17 -13.93 -30.02
N GLN A 15 8.48 -14.11 -29.92
CA GLN A 15 9.46 -13.18 -30.45
C GLN A 15 10.12 -13.70 -31.72
N ALA A 16 9.35 -14.36 -32.58
CA ALA A 16 9.92 -15.02 -33.75
C ALA A 16 10.43 -14.01 -34.77
N TYR A 17 9.53 -13.16 -35.28
CA TYR A 17 9.85 -12.29 -36.40
C TYR A 17 10.42 -10.93 -35.99
N SER A 18 10.50 -10.65 -34.69
CA SER A 18 11.00 -9.36 -34.23
C SER A 18 12.52 -9.29 -34.37
N THR A 19 13.00 -8.05 -34.47
CA THR A 19 14.44 -7.82 -34.59
C THR A 19 15.16 -8.18 -33.30
N ALA A 20 16.45 -8.49 -33.43
CA ALA A 20 17.25 -8.84 -32.26
C ALA A 20 17.37 -7.66 -31.31
N GLY A 21 17.57 -6.45 -31.83
CA GLY A 21 17.77 -5.29 -31.00
C GLY A 21 16.50 -4.61 -30.55
N GLY A 22 15.44 -4.70 -31.35
CA GLY A 22 14.23 -3.95 -31.06
C GLY A 22 13.53 -4.39 -29.79
N LYS A 23 13.66 -5.67 -29.43
CA LYS A 23 12.94 -6.18 -28.27
C LYS A 23 13.34 -5.46 -26.99
N VAL A 24 14.65 -5.38 -26.72
CA VAL A 24 15.12 -4.78 -25.49
C VAL A 24 14.79 -3.30 -25.45
N TRP A 25 14.98 -2.60 -26.58
CA TRP A 25 14.68 -1.17 -26.63
C TRP A 25 13.21 -0.90 -26.34
N LEU A 26 12.31 -1.66 -26.99
CA LEU A 26 10.88 -1.43 -26.77
C LEU A 26 10.49 -1.77 -25.34
N SER A 27 11.01 -2.88 -24.79
CA SER A 27 10.66 -3.27 -23.43
C SER A 27 11.12 -2.22 -22.42
N VAL A 28 12.36 -1.75 -22.56
CA VAL A 28 12.86 -0.77 -21.59
C VAL A 28 12.15 0.56 -21.77
N LEU A 29 11.75 0.90 -23.00
CA LEU A 29 10.97 2.11 -23.20
C LEU A 29 9.62 2.02 -22.49
N PHE A 30 8.95 0.87 -22.60
CA PHE A 30 7.69 0.69 -21.90
C PHE A 30 7.87 0.78 -20.39
N ILE A 31 8.92 0.15 -19.88
CA ILE A 31 9.17 0.17 -18.44
C ILE A 31 9.46 1.59 -17.98
N PHE A 32 10.28 2.32 -18.74
CA PHE A 32 10.56 3.72 -18.40
C PHE A 32 9.30 4.55 -18.39
N ARG A 33 8.44 4.36 -19.40
CA ARG A 33 7.19 5.12 -19.46
C ARG A 33 6.31 4.86 -18.26
N ILE A 34 6.12 3.59 -17.90
CA ILE A 34 5.22 3.28 -16.79
C ILE A 34 5.82 3.76 -15.47
N LEU A 35 7.14 3.61 -15.30
CA LEU A 35 7.77 4.07 -14.08
C LEU A 35 7.66 5.59 -13.94
N LEU A 36 7.90 6.33 -15.01
CA LEU A 36 7.79 7.79 -14.95
C LEU A 36 6.34 8.20 -14.68
N LEU A 37 5.38 7.51 -15.29
CA LEU A 37 3.98 7.87 -15.08
C LEU A 37 3.54 7.59 -13.65
N GLY A 38 4.03 6.51 -13.04
CA GLY A 38 3.57 6.15 -11.72
C GLY A 38 4.33 6.75 -10.55
N THR A 39 5.61 7.12 -10.77
CA THR A 39 6.46 7.48 -9.65
C THR A 39 6.28 8.93 -9.22
N ALA A 40 6.56 9.88 -10.10
CA ALA A 40 6.67 11.28 -9.69
C ALA A 40 5.70 12.22 -10.39
N VAL A 41 5.40 11.99 -11.67
CA VAL A 41 4.55 12.93 -12.39
C VAL A 41 3.13 12.95 -11.82
N GLU A 42 2.70 11.88 -11.15
CA GLU A 42 1.36 11.86 -10.57
C GLU A 42 1.23 12.90 -9.46
N SER A 43 2.27 13.05 -8.64
CA SER A 43 2.20 14.01 -7.54
C SER A 43 2.18 15.44 -8.04
N ALA A 44 2.71 15.69 -9.24
CA ALA A 44 2.69 17.04 -9.79
C ALA A 44 1.28 17.53 -10.04
N TRP A 45 0.36 16.61 -10.34
CA TRP A 45 -1.05 16.93 -10.50
C TRP A 45 -1.86 16.63 -9.25
N GLY A 46 -1.22 16.66 -8.07
CA GLY A 46 -1.95 16.45 -6.83
C GLY A 46 -2.94 17.55 -6.56
N ASP A 47 -2.55 18.80 -6.81
CA ASP A 47 -3.41 19.96 -6.60
C ASP A 47 -3.74 20.56 -7.97
N GLU A 48 -4.78 20.03 -8.60
CA GLU A 48 -5.22 20.55 -9.89
C GLU A 48 -6.26 21.65 -9.76
N GLN A 49 -7.13 21.56 -8.75
CA GLN A 49 -8.22 22.50 -8.58
C GLN A 49 -8.17 23.27 -7.27
N SER A 50 -7.45 22.78 -6.26
CA SER A 50 -7.39 23.48 -4.98
C SER A 50 -6.63 24.79 -5.10
N ALA A 51 -5.52 24.80 -5.84
CA ALA A 51 -4.71 26.00 -5.98
C ALA A 51 -5.15 26.89 -7.15
N PHE A 52 -6.10 26.44 -7.95
CA PHE A 52 -6.58 27.22 -9.09
C PHE A 52 -7.50 28.32 -8.60
N ARG A 53 -7.11 29.57 -8.82
CA ARG A 53 -7.89 30.72 -8.37
C ARG A 53 -8.16 31.66 -9.52
N CYS A 54 -9.33 32.30 -9.49
CA CYS A 54 -9.69 33.33 -10.45
C CYS A 54 -9.96 34.63 -9.71
N ASN A 55 -9.75 35.75 -10.40
CA ASN A 55 -9.87 37.07 -9.79
C ASN A 55 -11.30 37.58 -10.00
N THR A 56 -12.17 37.18 -9.09
CA THR A 56 -13.58 37.60 -9.13
C THR A 56 -14.19 37.41 -7.75
N GLN A 57 -15.39 37.94 -7.60
CA GLN A 57 -16.17 37.78 -6.37
C GLN A 57 -17.43 36.96 -6.55
N GLN A 58 -17.83 36.68 -7.78
CA GLN A 58 -19.04 35.89 -8.01
C GLN A 58 -18.80 34.44 -7.62
N PRO A 59 -19.64 33.87 -6.75
CA PRO A 59 -19.46 32.46 -6.39
C PRO A 59 -19.87 31.54 -7.53
N GLY A 60 -19.09 30.47 -7.70
CA GLY A 60 -19.39 29.46 -8.69
C GLY A 60 -18.78 29.70 -10.06
N CYS A 61 -18.20 30.87 -10.30
CA CYS A 61 -17.59 31.13 -11.60
C CYS A 61 -16.30 30.35 -11.79
N GLU A 62 -15.54 30.15 -10.71
CA GLU A 62 -14.27 29.44 -10.82
C GLU A 62 -14.47 28.00 -11.27
N ASN A 63 -15.56 27.36 -10.84
CA ASN A 63 -15.79 25.97 -11.24
C ASN A 63 -15.96 25.85 -12.74
N VAL A 64 -16.84 26.67 -13.33
CA VAL A 64 -17.07 26.57 -14.77
C VAL A 64 -15.85 27.04 -15.54
N CYS A 65 -15.13 28.04 -15.03
CA CYS A 65 -13.91 28.47 -15.72
C CYS A 65 -12.85 27.37 -15.72
N TYR A 66 -12.69 26.66 -14.60
CA TYR A 66 -11.77 25.54 -14.56
C TYR A 66 -12.22 24.43 -15.49
N ASP A 67 -13.52 24.17 -15.55
CA ASP A 67 -14.03 23.15 -16.46
C ASP A 67 -13.71 23.49 -17.90
N LYS A 68 -13.91 24.76 -18.29
CA LYS A 68 -13.64 25.16 -19.67
C LYS A 68 -12.14 25.16 -19.97
N SER A 69 -11.32 25.57 -19.01
CA SER A 69 -9.88 25.64 -19.25
C SER A 69 -9.29 24.25 -19.47
N PHE A 70 -9.71 23.28 -18.64
CA PHE A 70 -9.17 21.91 -18.69
C PHE A 70 -10.31 20.94 -18.96
N PRO A 71 -10.61 20.65 -20.22
CA PRO A 71 -11.62 19.63 -20.51
C PRO A 71 -11.27 18.26 -19.96
N ILE A 72 -9.99 17.91 -19.90
CA ILE A 72 -9.56 16.62 -19.37
C ILE A 72 -8.10 16.71 -18.92
N SER A 73 -7.81 16.16 -17.75
CA SER A 73 -6.44 16.19 -17.23
C SER A 73 -5.52 15.35 -18.11
N HIS A 74 -4.28 15.82 -18.24
CA HIS A 74 -3.33 15.13 -19.11
C HIS A 74 -2.93 13.77 -18.56
N VAL A 75 -2.95 13.60 -17.24
CA VAL A 75 -2.51 12.34 -16.64
C VAL A 75 -3.42 11.19 -17.07
N ARG A 76 -4.73 11.41 -17.00
CA ARG A 76 -5.66 10.36 -17.40
C ARG A 76 -5.63 10.13 -18.90
N PHE A 77 -5.38 11.18 -19.68
CA PHE A 77 -5.19 11.01 -21.11
C PHE A 77 -3.99 10.11 -21.40
N TRP A 78 -2.89 10.33 -20.69
CA TRP A 78 -1.71 9.49 -20.87
C TRP A 78 -1.99 8.05 -20.42
N VAL A 79 -2.76 7.89 -19.35
CA VAL A 79 -3.11 6.53 -18.90
C VAL A 79 -3.93 5.81 -19.97
N LEU A 80 -4.91 6.50 -20.55
CA LEU A 80 -5.69 5.90 -21.63
C LEU A 80 -4.80 5.57 -22.82
N GLN A 81 -3.87 6.47 -23.17
CA GLN A 81 -2.98 6.22 -24.29
C GLN A 81 -2.13 4.98 -24.05
N ILE A 82 -1.55 4.85 -22.87
CA ILE A 82 -0.66 3.73 -22.60
C ILE A 82 -1.44 2.42 -22.54
N ILE A 83 -2.66 2.44 -21.97
CA ILE A 83 -3.43 1.20 -21.92
C ILE A 83 -3.88 0.79 -23.32
N PHE A 84 -4.20 1.78 -24.17
CA PHE A 84 -4.65 1.46 -25.52
C PHE A 84 -3.49 1.00 -26.40
N VAL A 85 -2.27 1.43 -26.12
CA VAL A 85 -1.12 0.91 -26.86
C VAL A 85 -0.58 -0.37 -26.25
N SER A 86 -1.01 -0.73 -25.04
CA SER A 86 -0.58 -1.98 -24.44
C SER A 86 -1.53 -3.14 -24.68
N VAL A 87 -2.82 -2.86 -24.90
CA VAL A 87 -3.79 -3.95 -25.07
C VAL A 87 -3.47 -4.87 -26.24
N PRO A 88 -3.12 -4.39 -27.45
CA PRO A 88 -2.97 -5.33 -28.58
C PRO A 88 -1.89 -6.37 -28.36
N THR A 89 -0.79 -6.02 -27.69
CA THR A 89 0.25 -6.99 -27.41
C THR A 89 -0.27 -8.09 -26.49
N LEU A 90 -1.07 -7.72 -25.49
CA LEU A 90 -1.67 -8.71 -24.62
C LEU A 90 -2.60 -9.63 -25.39
N LEU A 91 -3.39 -9.06 -26.32
CA LEU A 91 -4.26 -9.88 -27.15
C LEU A 91 -3.45 -10.88 -27.98
N TYR A 92 -2.36 -10.40 -28.59
CA TYR A 92 -1.52 -11.28 -29.39
C TYR A 92 -0.93 -12.40 -28.54
N LEU A 93 -0.45 -12.05 -27.33
CA LEU A 93 0.14 -13.06 -26.46
C LEU A 93 -0.90 -14.10 -26.05
N ALA A 94 -2.10 -13.66 -25.67
CA ALA A 94 -3.13 -14.61 -25.28
C ALA A 94 -3.51 -15.52 -26.44
N HIS A 95 -3.65 -14.95 -27.64
CA HIS A 95 -4.03 -15.75 -28.80
C HIS A 95 -2.97 -16.80 -29.12
N VAL A 96 -1.70 -16.40 -29.12
CA VAL A 96 -0.64 -17.35 -29.45
C VAL A 96 -0.53 -18.42 -28.36
N PHE A 97 -0.74 -18.04 -27.10
CA PHE A 97 -0.71 -19.02 -26.02
C PHE A 97 -1.82 -20.06 -26.20
N TYR A 98 -3.02 -19.60 -26.51
CA TYR A 98 -4.13 -20.54 -26.67
C TYR A 98 -3.93 -21.45 -27.88
N VAL A 99 -3.46 -20.89 -29.00
CA VAL A 99 -3.26 -21.75 -30.16
C VAL A 99 -2.11 -22.72 -29.93
N MET A 100 -1.08 -22.31 -29.18
CA MET A 100 0.00 -23.24 -28.84
C MET A 100 -0.49 -24.37 -27.97
N ARG A 101 -1.35 -24.06 -26.98
CA ARG A 101 -1.93 -25.12 -26.17
C ARG A 101 -2.79 -26.06 -27.01
N LYS A 102 -3.56 -25.49 -27.95
CA LYS A 102 -4.38 -26.33 -28.82
C LYS A 102 -3.51 -27.27 -29.66
N GLU A 103 -2.42 -26.75 -30.22
CA GLU A 103 -1.52 -27.58 -31.01
C GLU A 103 -0.86 -28.64 -30.15
N GLU A 104 -0.49 -28.29 -28.91
CA GLU A 104 0.10 -29.27 -28.00
C GLU A 104 -0.89 -30.40 -27.71
N LYS A 105 -2.15 -30.06 -27.45
CA LYS A 105 -3.15 -31.10 -27.22
C LYS A 105 -3.34 -31.96 -28.47
N LEU A 106 -3.38 -31.34 -29.64
CA LEU A 106 -3.56 -32.08 -30.88
C LEU A 106 -2.42 -33.06 -31.12
N ASN A 107 -1.18 -32.61 -30.89
CA ASN A 107 -0.04 -33.49 -31.11
C ASN A 107 0.08 -34.55 -30.01
N LYS A 108 -0.40 -34.25 -28.80
CA LYS A 108 -0.41 -35.24 -27.74
C LYS A 108 -1.41 -36.34 -28.02
N LYS A 109 -2.59 -35.98 -28.57
CA LYS A 109 -3.58 -37.00 -28.89
C LYS A 109 -3.14 -37.88 -30.05
N GLU A 110 -2.33 -37.34 -30.96
CA GLU A 110 -1.86 -38.06 -32.14
C GLU A 110 -0.43 -38.52 -32.01
N GLU A 111 -0.02 -38.93 -30.81
CA GLU A 111 1.35 -39.37 -30.57
C GLU A 111 1.67 -40.67 -31.31
N ARG A 148 3.09 -18.56 -45.73
CA ARG A 148 3.18 -17.92 -44.42
C ARG A 148 2.10 -16.87 -44.25
N GLY A 149 1.72 -16.60 -43.00
CA GLY A 149 0.70 -15.63 -42.71
C GLY A 149 -0.24 -16.06 -41.60
N GLY A 150 -0.06 -17.28 -41.10
CA GLY A 150 -0.89 -17.75 -40.01
C GLY A 150 -0.67 -16.98 -38.72
N LEU A 151 0.54 -16.45 -38.54
CA LEU A 151 0.88 -15.63 -37.37
C LEU A 151 1.41 -14.26 -37.73
N LEU A 152 2.09 -14.12 -38.87
CA LEU A 152 2.66 -12.83 -39.25
C LEU A 152 1.58 -11.79 -39.52
N ARG A 153 0.44 -12.22 -40.07
CA ARG A 153 -0.64 -11.28 -40.37
C ARG A 153 -1.14 -10.61 -39.10
N THR A 154 -1.38 -11.39 -38.04
CA THR A 154 -1.81 -10.81 -36.78
C THR A 154 -0.74 -9.92 -36.18
N TYR A 155 0.53 -10.30 -36.33
CA TYR A 155 1.62 -9.48 -35.82
C TYR A 155 1.64 -8.11 -36.50
N ILE A 156 1.50 -8.10 -37.83
CA ILE A 156 1.49 -6.84 -38.56
C ILE A 156 0.26 -6.02 -38.18
N ILE A 157 -0.89 -6.68 -37.99
CA ILE A 157 -2.09 -5.98 -37.59
C ILE A 157 -1.89 -5.29 -36.25
N SER A 158 -1.28 -6.00 -35.30
CA SER A 158 -1.02 -5.41 -33.99
C SER A 158 -0.07 -4.23 -34.09
N ILE A 159 0.98 -4.36 -34.90
CA ILE A 159 1.95 -3.28 -35.03
C ILE A 159 1.29 -2.04 -35.62
N LEU A 160 0.51 -2.23 -36.69
CA LEU A 160 -0.13 -1.08 -37.32
C LEU A 160 -1.17 -0.45 -36.40
N PHE A 161 -1.88 -1.28 -35.62
CA PHE A 161 -2.83 -0.73 -34.66
C PHE A 161 -2.13 0.12 -33.61
N LYS A 162 -1.00 -0.36 -33.09
CA LYS A 162 -0.24 0.43 -32.13
C LYS A 162 0.19 1.76 -32.74
N SER A 163 0.72 1.72 -33.95
CA SER A 163 1.20 2.93 -34.60
C SER A 163 0.06 3.92 -34.82
N ILE A 164 -1.07 3.44 -35.33
CA ILE A 164 -2.17 4.36 -35.64
C ILE A 164 -2.76 4.93 -34.36
N PHE A 165 -2.86 4.12 -33.30
CA PHE A 165 -3.39 4.64 -32.05
C PHE A 165 -2.48 5.70 -31.45
N GLU A 166 -1.17 5.45 -31.43
CA GLU A 166 -0.26 6.44 -30.85
C GLU A 166 -0.25 7.73 -31.66
N VAL A 167 -0.25 7.63 -32.99
CA VAL A 167 -0.25 8.84 -33.80
C VAL A 167 -1.57 9.60 -33.65
N ALA A 168 -2.69 8.88 -33.52
CA ALA A 168 -3.97 9.54 -33.31
C ALA A 168 -4.00 10.26 -31.98
N PHE A 169 -3.49 9.64 -30.93
CA PHE A 169 -3.45 10.30 -29.62
C PHE A 169 -2.57 11.53 -29.66
N LEU A 170 -1.41 11.45 -30.33
CA LEU A 170 -0.54 12.62 -30.45
C LEU A 170 -1.23 13.74 -31.21
N LEU A 171 -1.93 13.41 -32.30
CA LEU A 171 -2.64 14.43 -33.07
C LEU A 171 -3.73 15.08 -32.23
N ILE A 172 -4.47 14.28 -31.46
CA ILE A 172 -5.53 14.83 -30.62
C ILE A 172 -4.93 15.77 -29.57
N GLN A 173 -3.83 15.36 -28.95
CA GLN A 173 -3.20 16.21 -27.95
C GLN A 173 -2.71 17.51 -28.55
N TRP A 174 -2.15 17.45 -29.77
CA TRP A 174 -1.74 18.67 -30.46
C TRP A 174 -2.94 19.56 -30.75
N TYR A 175 -4.07 18.95 -31.14
CA TYR A 175 -5.23 19.74 -31.53
C TYR A 175 -5.91 20.40 -30.35
N ILE A 176 -5.94 19.73 -29.19
CA ILE A 176 -6.72 20.23 -28.07
C ILE A 176 -5.89 21.17 -27.19
N TYR A 177 -4.81 20.65 -26.60
CA TYR A 177 -4.04 21.42 -25.63
C TYR A 177 -2.82 22.11 -26.21
N GLY A 178 -2.34 21.68 -27.36
CA GLY A 178 -1.06 22.21 -27.79
C GLY A 178 0.04 21.65 -26.91
N PHE A 179 1.18 22.33 -26.93
CA PHE A 179 2.35 21.92 -26.17
C PHE A 179 2.96 23.09 -25.43
N SER A 180 2.12 23.96 -24.88
CA SER A 180 2.59 25.08 -24.07
C SER A 180 1.46 25.53 -23.16
N LEU A 181 1.81 25.94 -21.94
CA LEU A 181 0.85 26.40 -20.96
C LEU A 181 1.27 27.78 -20.46
N SER A 182 0.31 28.71 -20.41
CA SER A 182 0.54 30.04 -19.90
C SER A 182 -0.10 30.19 -18.52
N ALA A 183 0.59 30.93 -17.64
CA ALA A 183 0.14 31.07 -16.27
C ALA A 183 -1.14 31.90 -16.14
N VAL A 184 -1.53 32.62 -17.18
CA VAL A 184 -2.72 33.48 -17.14
C VAL A 184 -3.70 32.99 -18.20
N TYR A 185 -4.95 32.82 -17.81
CA TYR A 185 -6.00 32.37 -18.72
C TYR A 185 -7.20 33.31 -18.62
N THR A 186 -7.87 33.50 -19.75
CA THR A 186 -9.04 34.35 -19.84
C THR A 186 -10.28 33.49 -20.00
N CYS A 187 -11.28 33.74 -19.15
CA CYS A 187 -12.50 32.95 -19.12
C CYS A 187 -13.68 33.85 -19.48
N LYS A 188 -14.51 33.39 -20.40
CA LYS A 188 -15.65 34.14 -20.92
C LYS A 188 -16.88 33.25 -20.99
N ARG A 189 -17.16 32.54 -19.90
CA ARG A 189 -18.29 31.62 -19.84
C ARG A 189 -19.27 32.05 -18.76
N ASP A 190 -20.54 31.77 -18.99
CA ASP A 190 -21.57 32.10 -18.03
C ASP A 190 -21.40 31.28 -16.75
N PRO A 191 -21.83 31.81 -15.60
CA PRO A 191 -22.46 33.12 -15.38
C PRO A 191 -21.45 34.21 -15.08
N CYS A 192 -20.17 34.00 -15.37
CA CYS A 192 -19.16 35.02 -15.10
C CYS A 192 -19.42 36.24 -15.99
N PRO A 193 -19.37 37.45 -15.42
CA PRO A 193 -19.55 38.64 -16.24
C PRO A 193 -18.41 38.82 -17.23
N HIS A 194 -18.76 39.38 -18.39
CA HIS A 194 -17.87 39.59 -19.54
C HIS A 194 -16.68 38.65 -19.57
N GLN A 195 -15.55 39.09 -19.03
CA GLN A 195 -14.31 38.32 -19.01
C GLN A 195 -13.70 38.34 -17.63
N VAL A 196 -13.10 37.22 -17.23
CA VAL A 196 -12.39 37.12 -15.96
C VAL A 196 -11.03 36.49 -16.21
N ASP A 197 -10.13 36.67 -15.25
CA ASP A 197 -8.78 36.16 -15.34
C ASP A 197 -8.55 35.08 -14.29
N CYS A 198 -7.82 34.04 -14.67
CA CYS A 198 -7.50 32.94 -13.77
C CYS A 198 -6.02 32.60 -13.90
N PHE A 199 -5.48 32.01 -12.85
CA PHE A 199 -4.07 31.63 -12.79
C PHE A 199 -3.95 30.14 -12.50
N LEU A 200 -3.04 29.48 -13.21
CA LEU A 200 -2.78 28.06 -13.02
C LEU A 200 -1.70 27.89 -11.95
N SER A 201 -1.18 26.67 -11.82
CA SER A 201 -0.14 26.36 -10.88
C SER A 201 0.99 25.62 -11.58
N ARG A 202 2.23 25.95 -11.19
CA ARG A 202 3.49 25.38 -11.68
C ARG A 202 3.44 25.02 -13.16
N PRO A 203 3.16 25.98 -14.05
CA PRO A 203 3.08 25.65 -15.48
C PRO A 203 4.37 25.12 -16.07
N THR A 204 5.52 25.59 -15.59
CA THR A 204 6.79 25.17 -16.17
C THR A 204 7.02 23.67 -15.99
N GLU A 205 6.74 23.15 -14.80
CA GLU A 205 6.92 21.72 -14.55
C GLU A 205 6.03 20.88 -15.44
N LYS A 206 4.76 21.29 -15.58
CA LYS A 206 3.84 20.56 -16.44
C LYS A 206 4.29 20.61 -17.89
N THR A 207 4.78 21.77 -18.34
CA THR A 207 5.28 21.87 -19.71
C THR A 207 6.47 20.95 -19.93
N ILE A 208 7.38 20.88 -18.96
CA ILE A 208 8.54 20.00 -19.08
C ILE A 208 8.10 18.55 -19.19
N PHE A 209 7.16 18.15 -18.33
CA PHE A 209 6.69 16.77 -18.39
C PHE A 209 5.93 16.47 -19.67
N ILE A 210 5.19 17.45 -20.20
CA ILE A 210 4.51 17.26 -21.47
C ILE A 210 5.52 17.03 -22.59
N ILE A 211 6.60 17.81 -22.59
CA ILE A 211 7.64 17.63 -23.60
C ILE A 211 8.28 16.26 -23.46
N PHE A 212 8.51 15.82 -22.22
CA PHE A 212 9.09 14.49 -22.00
C PHE A 212 8.20 13.39 -22.55
N MET A 213 6.90 13.48 -22.27
CA MET A 213 5.97 12.48 -22.80
C MET A 213 5.94 12.52 -24.32
N LEU A 214 6.00 13.72 -24.90
CA LEU A 214 5.99 13.86 -26.35
C LEU A 214 7.20 13.17 -26.97
N VAL A 215 8.39 13.40 -26.42
CA VAL A 215 9.58 12.80 -27.00
C VAL A 215 9.58 11.29 -26.82
N VAL A 216 9.07 10.81 -25.67
CA VAL A 216 8.97 9.36 -25.47
C VAL A 216 8.03 8.74 -26.50
N SER A 217 6.88 9.38 -26.74
CA SER A 217 5.95 8.87 -27.74
C SER A 217 6.56 8.89 -29.14
N LEU A 218 7.31 9.94 -29.46
CA LEU A 218 7.97 10.00 -30.75
C LEU A 218 8.97 8.85 -30.91
N VAL A 219 9.75 8.57 -29.86
CA VAL A 219 10.69 7.46 -29.91
C VAL A 219 9.95 6.14 -30.12
N SER A 220 8.84 5.96 -29.41
CA SER A 220 8.06 4.73 -29.57
C SER A 220 7.55 4.58 -30.99
N LEU A 221 7.01 5.66 -31.57
CA LEU A 221 6.52 5.61 -32.94
C LEU A 221 7.64 5.30 -33.91
N ALA A 222 8.81 5.90 -33.72
CA ALA A 222 9.94 5.63 -34.60
C ALA A 222 10.36 4.16 -34.52
N LEU A 223 10.42 3.61 -33.31
CA LEU A 223 10.78 2.21 -33.17
C LEU A 223 9.76 1.29 -33.85
N ASN A 224 8.47 1.58 -33.66
CA ASN A 224 7.44 0.76 -34.29
C ASN A 224 7.52 0.82 -35.80
N ILE A 225 7.71 2.02 -36.36
CA ILE A 225 7.76 2.13 -37.81
C ILE A 225 9.03 1.48 -38.36
N ILE A 226 10.13 1.54 -37.61
CA ILE A 226 11.35 0.85 -38.06
C ILE A 226 11.12 -0.66 -38.08
N GLU A 227 10.47 -1.19 -37.04
CA GLU A 227 10.19 -2.62 -37.02
C GLU A 227 9.29 -3.02 -38.18
N LEU A 228 8.26 -2.22 -38.45
CA LEU A 228 7.36 -2.54 -39.56
C LEU A 228 8.10 -2.50 -40.89
N PHE A 229 8.95 -1.48 -41.08
CA PHE A 229 9.71 -1.39 -42.32
C PHE A 229 10.63 -2.59 -42.48
N TYR A 230 11.29 -3.01 -41.39
CA TYR A 230 12.19 -4.16 -41.48
C TYR A 230 11.42 -5.42 -41.86
N VAL A 231 10.29 -5.67 -41.19
CA VAL A 231 9.57 -6.92 -41.43
C VAL A 231 9.00 -6.92 -42.85
N PHE A 232 8.49 -5.77 -43.32
CA PHE A 232 7.98 -5.71 -44.68
C PHE A 232 9.09 -5.89 -45.70
N PHE A 233 10.25 -5.28 -45.46
CA PHE A 233 11.37 -5.41 -46.38
C PHE A 233 11.85 -6.85 -46.46
N LYS A 234 11.88 -7.55 -45.31
CA LYS A 234 12.28 -8.95 -45.33
C LYS A 234 11.21 -9.81 -46.00
N GLY A 235 9.93 -9.47 -45.83
CA GLY A 235 8.88 -10.24 -46.45
C GLY A 235 8.79 -10.05 -47.95
N VAL A 236 9.27 -8.90 -48.45
CA VAL A 236 9.31 -8.68 -49.90
C VAL A 236 10.27 -9.67 -50.55
N LYS A 237 11.43 -9.89 -49.94
CA LYS A 237 12.41 -10.82 -50.49
C LYS A 237 11.97 -12.28 -50.40
N ASP A 238 10.90 -12.57 -49.65
CA ASP A 238 10.38 -13.94 -49.50
C ASP A 238 11.45 -14.88 -48.96
N GLY B 2 14.64 -25.00 -6.43
CA GLY B 2 15.96 -25.11 -7.02
C GLY B 2 16.00 -24.65 -8.47
N ASP B 3 15.71 -23.38 -8.69
CA ASP B 3 15.70 -22.78 -10.02
C ASP B 3 16.45 -21.45 -10.02
N TRP B 4 17.61 -21.43 -9.38
CA TRP B 4 18.42 -20.22 -9.29
C TRP B 4 19.74 -20.34 -10.03
N SER B 5 20.00 -21.46 -10.70
CA SER B 5 21.28 -21.67 -11.36
C SER B 5 21.45 -20.71 -12.54
N ALA B 6 20.41 -20.56 -13.37
CA ALA B 6 20.50 -19.67 -14.52
C ALA B 6 20.67 -18.22 -14.10
N LEU B 7 19.96 -17.80 -13.05
CA LEU B 7 20.11 -16.43 -12.57
C LEU B 7 21.53 -16.18 -12.07
N GLY B 8 22.08 -17.14 -11.33
CA GLY B 8 23.46 -17.01 -10.88
C GLY B 8 24.45 -16.99 -12.03
N LYS B 9 24.20 -17.81 -13.06
CA LYS B 9 25.06 -17.81 -14.23
C LYS B 9 25.06 -16.46 -14.92
N LEU B 10 23.88 -15.88 -15.13
CA LEU B 10 23.79 -14.57 -15.74
C LEU B 10 24.48 -13.51 -14.88
N LEU B 11 24.27 -13.59 -13.56
CA LEU B 11 24.87 -12.61 -12.66
C LEU B 11 26.39 -12.68 -12.69
N ASP B 12 26.97 -13.88 -12.70
CA ASP B 12 28.42 -13.99 -12.75
C ASP B 12 28.99 -13.66 -14.13
N LYS B 13 28.22 -13.89 -15.19
CA LYS B 13 28.71 -13.56 -16.53
C LYS B 13 28.66 -12.06 -16.80
N VAL B 14 27.68 -11.36 -16.22
CA VAL B 14 27.58 -9.92 -16.45
C VAL B 14 28.65 -9.16 -15.67
N GLN B 15 29.30 -9.79 -14.69
CA GLN B 15 30.31 -9.16 -13.87
C GLN B 15 31.72 -9.60 -14.23
N ALA B 16 31.99 -9.77 -15.53
CA ALA B 16 33.27 -10.33 -15.96
C ALA B 16 34.41 -9.35 -15.72
N TYR B 17 34.35 -8.17 -16.32
CA TYR B 17 35.47 -7.25 -16.33
C TYR B 17 35.48 -6.28 -15.16
N SER B 18 34.46 -6.32 -14.31
CA SER B 18 34.38 -5.39 -13.20
C SER B 18 35.35 -5.79 -12.08
N THR B 19 35.73 -4.80 -11.28
CA THR B 19 36.64 -5.04 -10.16
C THR B 19 35.96 -5.88 -9.09
N ALA B 20 36.79 -6.56 -8.29
CA ALA B 20 36.27 -7.38 -7.21
C ALA B 20 35.56 -6.54 -6.16
N GLY B 21 36.14 -5.39 -5.81
CA GLY B 21 35.57 -4.56 -4.78
C GLY B 21 34.50 -3.59 -5.24
N GLY B 22 34.59 -3.15 -6.50
CA GLY B 22 33.68 -2.13 -6.97
C GLY B 22 32.23 -2.55 -7.01
N LYS B 23 31.97 -3.85 -7.22
CA LYS B 23 30.59 -4.32 -7.36
C LYS B 23 29.78 -4.05 -6.11
N VAL B 24 30.29 -4.47 -4.95
CA VAL B 24 29.55 -4.32 -3.71
C VAL B 24 29.36 -2.85 -3.37
N TRP B 25 30.41 -2.04 -3.55
CA TRP B 25 30.32 -0.62 -3.23
C TRP B 25 29.26 0.06 -4.09
N LEU B 26 29.28 -0.20 -5.40
CA LEU B 26 28.31 0.44 -6.28
C LEU B 26 26.89 -0.03 -5.97
N SER B 27 26.71 -1.33 -5.71
CA SER B 27 25.37 -1.85 -5.43
C SER B 27 24.82 -1.25 -4.14
N VAL B 28 25.63 -1.21 -3.08
CA VAL B 28 25.14 -0.66 -1.83
C VAL B 28 24.92 0.84 -1.94
N LEU B 29 25.71 1.53 -2.76
CA LEU B 29 25.47 2.95 -2.97
C LEU B 29 24.12 3.17 -3.65
N PHE B 30 23.82 2.36 -4.67
CA PHE B 30 22.53 2.47 -5.34
C PHE B 30 21.38 2.18 -4.37
N ILE B 31 21.53 1.14 -3.55
CA ILE B 31 20.48 0.80 -2.60
C ILE B 31 20.29 1.91 -1.58
N PHE B 32 21.39 2.47 -1.08
CA PHE B 32 21.30 3.59 -0.15
C PHE B 32 20.60 4.78 -0.78
N ARG B 33 20.94 5.09 -2.03
CA ARG B 33 20.32 6.22 -2.70
C ARG B 33 18.82 6.02 -2.84
N ILE B 34 18.40 4.85 -3.31
CA ILE B 34 16.97 4.64 -3.53
C ILE B 34 16.21 4.61 -2.20
N LEU B 35 16.81 4.00 -1.17
CA LEU B 35 16.16 3.97 0.14
C LEU B 35 16.00 5.37 0.71
N LEU B 36 17.06 6.19 0.62
CA LEU B 36 16.96 7.55 1.14
C LEU B 36 15.94 8.37 0.36
N LEU B 37 15.90 8.18 -0.97
CA LEU B 37 14.94 8.93 -1.77
C LEU B 37 13.51 8.53 -1.48
N GLY B 38 13.26 7.25 -1.21
CA GLY B 38 11.89 6.80 -1.00
C GLY B 38 11.37 6.87 0.42
N THR B 39 12.27 6.83 1.40
CA THR B 39 11.84 6.64 2.78
C THR B 39 11.39 7.95 3.43
N ALA B 40 12.31 8.91 3.57
CA ALA B 40 12.06 10.08 4.40
C ALA B 40 12.12 11.41 3.67
N VAL B 41 13.01 11.57 2.68
CA VAL B 41 13.14 12.86 2.02
C VAL B 41 11.87 13.24 1.25
N GLU B 42 11.06 12.26 0.87
CA GLU B 42 9.83 12.56 0.15
C GLU B 42 8.86 13.33 1.03
N SER B 43 8.76 12.96 2.30
CA SER B 43 7.83 13.64 3.20
C SER B 43 8.27 15.08 3.49
N ALA B 44 9.56 15.37 3.35
CA ALA B 44 10.03 16.72 3.59
C ALA B 44 9.45 17.70 2.57
N TRP B 45 9.16 17.22 1.35
CA TRP B 45 8.52 18.03 0.33
C TRP B 45 7.02 17.76 0.26
N GLY B 46 6.41 17.33 1.37
CA GLY B 46 4.97 17.13 1.38
C GLY B 46 4.20 18.43 1.20
N ASP B 47 4.66 19.49 1.85
CA ASP B 47 4.03 20.80 1.76
C ASP B 47 4.99 21.74 1.04
N GLU B 48 4.92 21.74 -0.29
CA GLU B 48 5.75 22.62 -1.10
C GLU B 48 5.08 23.95 -1.39
N GLN B 49 3.75 23.96 -1.56
CA GLN B 49 3.03 25.15 -1.93
C GLN B 49 1.98 25.58 -0.91
N SER B 50 1.55 24.68 -0.03
CA SER B 50 0.53 25.05 0.96
C SER B 50 1.08 26.02 1.99
N ALA B 51 2.32 25.81 2.45
CA ALA B 51 2.91 26.67 3.45
C ALA B 51 3.66 27.86 2.86
N PHE B 52 3.78 27.94 1.54
CA PHE B 52 4.47 29.04 0.89
C PHE B 52 3.55 30.27 0.87
N ARG B 53 3.99 31.34 1.53
CA ARG B 53 3.21 32.56 1.64
C ARG B 53 4.03 33.75 1.20
N CYS B 54 3.36 34.73 0.58
CA CYS B 54 3.97 36.00 0.21
C CYS B 54 3.23 37.13 0.90
N ASN B 55 3.95 38.23 1.13
CA ASN B 55 3.40 39.37 1.87
C ASN B 55 2.79 40.36 0.88
N THR B 56 1.53 40.10 0.53
CA THR B 56 0.79 40.95 -0.39
C THR B 56 -0.69 40.70 -0.20
N GLN B 57 -1.49 41.57 -0.83
CA GLN B 57 -2.94 41.41 -0.83
C GLN B 57 -3.52 41.11 -2.21
N GLN B 58 -2.74 41.25 -3.27
CA GLN B 58 -3.23 40.97 -4.61
C GLN B 58 -3.46 39.48 -4.79
N PRO B 59 -4.65 39.06 -5.19
CA PRO B 59 -4.89 37.63 -5.42
C PRO B 59 -4.18 37.14 -6.69
N GLY B 60 -3.63 35.93 -6.60
CA GLY B 60 -2.99 35.30 -7.74
C GLY B 60 -1.52 35.60 -7.90
N CYS B 61 -0.97 36.54 -7.13
CA CYS B 61 0.45 36.84 -7.24
C CYS B 61 1.31 35.71 -6.67
N GLU B 62 0.84 35.07 -5.60
CA GLU B 62 1.63 34.01 -4.99
C GLU B 62 1.87 32.84 -5.93
N ASN B 63 0.88 32.52 -6.77
CA ASN B 63 1.05 31.41 -7.71
C ASN B 63 2.21 31.67 -8.67
N VAL B 64 2.22 32.82 -9.32
CA VAL B 64 3.28 33.11 -10.29
C VAL B 64 4.61 33.29 -9.57
N CYS B 65 4.61 33.87 -8.37
CA CYS B 65 5.87 34.00 -7.64
C CYS B 65 6.43 32.63 -7.27
N TYR B 66 5.59 31.70 -6.84
CA TYR B 66 6.04 30.35 -6.55
C TYR B 66 6.55 29.67 -7.82
N ASP B 67 5.87 29.87 -8.94
CA ASP B 67 6.31 29.28 -10.19
C ASP B 67 7.70 29.79 -10.58
N LYS B 68 7.93 31.10 -10.43
CA LYS B 68 9.23 31.66 -10.79
C LYS B 68 10.31 31.22 -9.82
N SER B 69 9.99 31.13 -8.53
CA SER B 69 11.00 30.76 -7.54
C SER B 69 11.47 29.32 -7.75
N PHE B 70 10.55 28.40 -8.00
CA PHE B 70 10.86 26.98 -8.16
C PHE B 70 10.41 26.52 -9.55
N PRO B 71 11.30 26.60 -10.54
CA PRO B 71 10.94 26.06 -11.86
C PRO B 71 10.65 24.57 -11.84
N ILE B 72 11.31 23.82 -10.97
CA ILE B 72 11.09 22.37 -10.87
C ILE B 72 11.53 21.89 -9.50
N SER B 73 10.72 21.03 -8.88
CA SER B 73 11.05 20.51 -7.56
C SER B 73 12.28 19.60 -7.65
N HIS B 74 13.10 19.64 -6.59
CA HIS B 74 14.33 18.87 -6.60
C HIS B 74 14.08 17.37 -6.54
N VAL B 75 12.96 16.96 -5.92
CA VAL B 75 12.69 15.52 -5.77
C VAL B 75 12.51 14.87 -7.14
N ARG B 76 11.73 15.49 -8.01
CA ARG B 76 11.52 14.91 -9.33
C ARG B 76 12.77 15.00 -10.18
N PHE B 77 13.57 16.04 -9.98
CA PHE B 77 14.86 16.10 -10.67
C PHE B 77 15.76 14.94 -10.26
N TRP B 78 15.80 14.63 -8.96
CA TRP B 78 16.58 13.50 -8.49
C TRP B 78 16.03 12.18 -9.03
N VAL B 79 14.71 12.06 -9.12
CA VAL B 79 14.11 10.85 -9.67
C VAL B 79 14.52 10.66 -11.13
N LEU B 80 14.47 11.75 -11.91
CA LEU B 80 14.91 11.68 -13.30
C LEU B 80 16.39 11.32 -13.38
N GLN B 81 17.21 11.90 -12.51
CA GLN B 81 18.63 11.60 -12.52
C GLN B 81 18.89 10.13 -12.24
N ILE B 82 18.23 9.58 -11.22
CA ILE B 82 18.49 8.19 -10.85
C ILE B 82 17.97 7.24 -11.92
N ILE B 83 16.82 7.55 -12.53
CA ILE B 83 16.32 6.66 -13.57
C ILE B 83 17.22 6.71 -14.80
N PHE B 84 17.75 7.90 -15.12
CA PHE B 84 18.63 8.03 -16.28
C PHE B 84 19.99 7.39 -16.05
N VAL B 85 20.45 7.34 -14.79
CA VAL B 85 21.70 6.63 -14.52
C VAL B 85 21.46 5.14 -14.29
N SER B 86 20.22 4.70 -14.13
CA SER B 86 19.94 3.29 -13.96
C SER B 86 19.57 2.58 -15.27
N VAL B 87 19.05 3.32 -16.26
CA VAL B 87 18.63 2.67 -17.51
C VAL B 87 19.75 1.95 -18.23
N PRO B 88 20.96 2.53 -18.41
CA PRO B 88 21.96 1.85 -19.25
C PRO B 88 22.36 0.47 -18.72
N THR B 89 22.43 0.31 -17.41
CA THR B 89 22.77 -1.00 -16.86
C THR B 89 21.69 -2.02 -17.19
N LEU B 90 20.42 -1.61 -17.13
CA LEU B 90 19.33 -2.52 -17.52
C LEU B 90 19.44 -2.88 -18.99
N LEU B 91 19.78 -1.91 -19.84
CA LEU B 91 19.96 -2.22 -21.26
C LEU B 91 21.08 -3.23 -21.46
N TYR B 92 22.20 -3.03 -20.77
CA TYR B 92 23.31 -3.96 -20.90
C TYR B 92 22.92 -5.36 -20.44
N LEU B 93 22.21 -5.44 -19.31
CA LEU B 93 21.78 -6.74 -18.80
C LEU B 93 20.85 -7.45 -19.77
N ALA B 94 19.87 -6.71 -20.32
CA ALA B 94 18.94 -7.33 -21.27
C ALA B 94 19.68 -7.79 -22.53
N HIS B 95 20.60 -6.98 -23.03
CA HIS B 95 21.34 -7.36 -24.24
C HIS B 95 22.17 -8.61 -24.00
N VAL B 96 22.89 -8.67 -22.88
CA VAL B 96 23.73 -9.83 -22.63
C VAL B 96 22.87 -11.06 -22.39
N PHE B 97 21.72 -10.91 -21.74
CA PHE B 97 20.83 -12.04 -21.54
C PHE B 97 20.33 -12.59 -22.88
N TYR B 98 19.92 -11.70 -23.78
CA TYR B 98 19.42 -12.16 -25.07
C TYR B 98 20.51 -12.82 -25.90
N VAL B 99 21.71 -12.24 -25.91
CA VAL B 99 22.78 -12.86 -26.71
C VAL B 99 23.20 -14.19 -26.09
N MET B 100 23.16 -14.31 -24.76
CA MET B 100 23.48 -15.57 -24.13
C MET B 100 22.45 -16.64 -24.49
N ARG B 101 21.16 -16.26 -24.50
CA ARG B 101 20.14 -17.22 -24.92
C ARG B 101 20.34 -17.62 -26.38
N LYS B 102 20.69 -16.66 -27.24
CA LYS B 102 20.94 -16.98 -28.64
C LYS B 102 22.10 -17.96 -28.78
N GLU B 103 23.19 -17.72 -28.05
CA GLU B 103 24.33 -18.64 -28.11
C GLU B 103 23.96 -20.01 -27.56
N GLU B 104 23.16 -20.06 -26.50
CA GLU B 104 22.71 -21.33 -25.96
C GLU B 104 21.90 -22.11 -26.99
N LYS B 105 20.98 -21.43 -27.68
CA LYS B 105 20.20 -22.10 -28.73
C LYS B 105 21.11 -22.58 -29.87
N LEU B 106 22.08 -21.75 -30.26
CA LEU B 106 22.99 -22.12 -31.34
C LEU B 106 23.80 -23.35 -30.97
N ASN B 107 24.32 -23.41 -29.74
CA ASN B 107 25.12 -24.55 -29.34
C ASN B 107 24.26 -25.78 -29.08
N LYS B 108 22.99 -25.59 -28.70
CA LYS B 108 22.09 -26.71 -28.54
C LYS B 108 21.74 -27.34 -29.88
N LYS B 109 21.54 -26.51 -30.92
CA LYS B 109 21.23 -27.05 -32.23
C LYS B 109 22.41 -27.77 -32.85
N GLU B 110 23.64 -27.36 -32.49
CA GLU B 110 24.86 -27.93 -33.05
C GLU B 110 25.54 -28.86 -32.05
N GLU B 111 24.77 -29.63 -31.29
CA GLU B 111 25.33 -30.53 -30.30
C GLU B 111 26.09 -31.68 -30.94
N ARG B 148 39.28 -8.87 -28.79
CA ARG B 148 38.27 -8.59 -27.78
C ARG B 148 37.54 -7.30 -28.10
N GLY B 149 36.30 -7.18 -27.63
CA GLY B 149 35.50 -5.99 -27.88
C GLY B 149 34.05 -6.30 -28.17
N GLY B 150 33.71 -7.59 -28.26
CA GLY B 150 32.33 -7.97 -28.49
C GLY B 150 31.40 -7.59 -27.35
N LEU B 151 31.95 -7.54 -26.13
CA LEU B 151 31.19 -7.14 -24.95
C LEU B 151 31.81 -5.99 -24.20
N LEU B 152 33.14 -5.85 -24.23
CA LEU B 152 33.79 -4.78 -23.49
C LEU B 152 33.45 -3.41 -24.05
N ARG B 153 33.25 -3.31 -25.36
CA ARG B 153 32.91 -2.02 -25.97
C ARG B 153 31.59 -1.49 -25.42
N THR B 154 30.57 -2.34 -25.35
CA THR B 154 29.29 -1.93 -24.80
C THR B 154 29.41 -1.59 -23.32
N TYR B 155 30.23 -2.33 -22.59
CA TYR B 155 30.45 -2.04 -21.18
C TYR B 155 31.05 -0.65 -20.98
N ILE B 156 32.07 -0.32 -21.78
CA ILE B 156 32.69 0.99 -21.68
C ILE B 156 31.71 2.08 -22.10
N ILE B 157 30.90 1.81 -23.12
CA ILE B 157 29.90 2.78 -23.56
C ILE B 157 28.92 3.07 -22.42
N SER B 158 28.45 2.02 -21.75
CA SER B 158 27.53 2.21 -20.64
C SER B 158 28.18 3.01 -19.51
N ILE B 159 29.42 2.69 -19.18
CA ILE B 159 30.10 3.39 -18.09
C ILE B 159 30.24 4.87 -18.42
N LEU B 160 30.69 5.18 -19.64
CA LEU B 160 30.88 6.58 -20.01
C LEU B 160 29.54 7.32 -20.08
N PHE B 161 28.49 6.64 -20.53
CA PHE B 161 27.16 7.26 -20.54
C PHE B 161 26.72 7.60 -19.12
N LYS B 162 26.91 6.67 -18.18
CA LYS B 162 26.54 6.95 -16.79
C LYS B 162 27.31 8.15 -16.26
N SER B 163 28.63 8.18 -16.52
CA SER B 163 29.45 9.28 -16.01
C SER B 163 29.01 10.62 -16.61
N ILE B 164 28.79 10.65 -17.92
CA ILE B 164 28.45 11.92 -18.55
C ILE B 164 27.07 12.39 -18.12
N PHE B 165 26.12 11.47 -17.95
CA PHE B 165 24.80 11.87 -17.50
C PHE B 165 24.84 12.41 -16.07
N GLU B 166 25.56 11.74 -15.17
CA GLU B 166 25.59 12.23 -13.80
C GLU B 166 26.30 13.58 -13.71
N VAL B 167 27.40 13.76 -14.45
CA VAL B 167 28.10 15.04 -14.39
C VAL B 167 27.24 16.14 -15.02
N ALA B 168 26.50 15.83 -16.07
CA ALA B 168 25.63 16.82 -16.68
C ALA B 168 24.51 17.24 -15.73
N PHE B 169 23.91 16.27 -15.04
CA PHE B 169 22.87 16.60 -14.07
C PHE B 169 23.43 17.45 -12.93
N LEU B 170 24.63 17.12 -12.45
CA LEU B 170 25.23 17.92 -11.39
C LEU B 170 25.50 19.35 -11.87
N LEU B 171 26.00 19.49 -13.10
CA LEU B 171 26.26 20.83 -13.64
C LEU B 171 24.97 21.63 -13.78
N ILE B 172 23.91 20.98 -14.25
CA ILE B 172 22.63 21.67 -14.39
C ILE B 172 22.11 22.12 -13.03
N GLN B 173 22.21 21.25 -12.03
CA GLN B 173 21.74 21.62 -10.69
C GLN B 173 22.56 22.78 -10.13
N TRP B 174 23.87 22.78 -10.37
CA TRP B 174 24.69 23.91 -9.94
C TRP B 174 24.28 25.18 -10.66
N TYR B 175 23.97 25.08 -11.95
CA TYR B 175 23.66 26.28 -12.73
C TYR B 175 22.30 26.87 -12.38
N ILE B 176 21.32 26.03 -12.05
CA ILE B 176 19.95 26.52 -11.85
C ILE B 176 19.72 26.92 -10.40
N TYR B 177 19.81 25.97 -9.48
CA TYR B 177 19.46 26.22 -8.10
C TYR B 177 20.64 26.58 -7.21
N GLY B 178 21.86 26.24 -7.61
CA GLY B 178 22.94 26.39 -6.66
C GLY B 178 22.82 25.34 -5.58
N PHE B 179 23.48 25.59 -4.45
CA PHE B 179 23.50 24.66 -3.33
C PHE B 179 23.26 25.38 -2.02
N SER B 180 22.34 26.35 -2.03
CA SER B 180 21.96 27.06 -0.82
C SER B 180 20.58 27.68 -1.03
N LEU B 181 19.79 27.69 0.03
CA LEU B 181 18.44 28.24 0.00
C LEU B 181 18.28 29.26 1.12
N SER B 182 17.72 30.42 0.78
CA SER B 182 17.46 31.47 1.74
C SER B 182 15.97 31.54 2.04
N ALA B 183 15.65 31.81 3.30
CA ALA B 183 14.25 31.82 3.73
C ALA B 183 13.45 32.98 3.16
N VAL B 184 14.10 33.98 2.59
CA VAL B 184 13.42 35.16 2.05
C VAL B 184 13.74 35.25 0.56
N TYR B 185 12.70 35.43 -0.25
CA TYR B 185 12.87 35.55 -1.69
C TYR B 185 12.13 36.80 -2.18
N THR B 186 12.70 37.43 -3.21
CA THR B 186 12.14 38.63 -3.81
C THR B 186 11.55 38.27 -5.17
N CYS B 187 10.30 38.66 -5.39
CA CYS B 187 9.57 38.34 -6.60
C CYS B 187 9.22 39.63 -7.33
N LYS B 188 9.52 39.68 -8.63
CA LYS B 188 9.32 40.85 -9.47
C LYS B 188 8.67 40.46 -10.79
N ARG B 189 7.59 39.68 -10.71
CA ARG B 189 6.90 39.18 -11.89
C ARG B 189 5.46 39.69 -11.90
N ASP B 190 4.94 39.91 -13.10
CA ASP B 190 3.57 40.37 -13.24
C ASP B 190 2.58 39.28 -12.77
N PRO B 191 1.41 39.69 -12.29
CA PRO B 191 0.90 41.06 -12.13
C PRO B 191 1.23 41.67 -10.78
N CYS B 192 2.19 41.10 -10.05
CA CYS B 192 2.56 41.65 -8.76
C CYS B 192 3.16 43.04 -8.94
N PRO B 193 2.75 44.01 -8.12
CA PRO B 193 3.35 45.35 -8.23
C PRO B 193 4.80 45.34 -7.80
N HIS B 194 5.58 46.20 -8.46
CA HIS B 194 7.04 46.33 -8.31
C HIS B 194 7.72 45.07 -7.79
N GLN B 195 7.91 44.99 -6.47
CA GLN B 195 8.58 43.87 -5.83
C GLN B 195 7.77 43.41 -4.63
N VAL B 196 7.76 42.09 -4.41
CA VAL B 196 7.10 41.50 -3.25
C VAL B 196 8.05 40.51 -2.59
N ASP B 197 7.77 40.19 -1.34
CA ASP B 197 8.59 39.28 -0.55
C ASP B 197 7.83 38.00 -0.25
N CYS B 198 8.52 36.88 -0.31
CA CYS B 198 7.94 35.57 -0.03
C CYS B 198 8.87 34.79 0.88
N PHE B 199 8.28 33.85 1.63
CA PHE B 199 9.02 33.03 2.58
C PHE B 199 8.82 31.56 2.25
N LEU B 200 9.91 30.79 2.31
CA LEU B 200 9.87 29.37 2.05
C LEU B 200 9.58 28.61 3.35
N SER B 201 9.74 27.31 3.34
CA SER B 201 9.54 26.47 4.52
C SER B 201 10.73 25.56 4.71
N ARG B 202 11.11 25.37 5.98
CA ARG B 202 12.21 24.52 6.46
C ARG B 202 13.40 24.50 5.50
N PRO B 203 14.01 25.67 5.21
CA PRO B 203 15.13 25.68 4.26
C PRO B 203 16.33 24.89 4.73
N THR B 204 16.59 24.83 6.03
CA THR B 204 17.78 24.13 6.53
C THR B 204 17.73 22.65 6.21
N GLU B 205 16.57 22.02 6.42
CA GLU B 205 16.44 20.59 6.14
C GLU B 205 16.65 20.30 4.66
N LYS B 206 16.07 21.13 3.79
CA LYS B 206 16.25 20.94 2.35
C LYS B 206 17.70 21.14 1.95
N THR B 207 18.37 22.11 2.55
CA THR B 207 19.79 22.33 2.25
C THR B 207 20.63 21.12 2.67
N ILE B 208 20.33 20.56 3.85
CA ILE B 208 21.07 19.39 4.32
C ILE B 208 20.87 18.23 3.35
N PHE B 209 19.63 17.99 2.93
CA PHE B 209 19.38 16.89 2.01
C PHE B 209 20.01 17.13 0.65
N ILE B 210 20.06 18.38 0.20
CA ILE B 210 20.73 18.70 -1.06
C ILE B 210 22.21 18.37 -0.96
N ILE B 211 22.84 18.74 0.15
CA ILE B 211 24.25 18.43 0.35
C ILE B 211 24.47 16.92 0.37
N PHE B 212 23.56 16.19 1.02
CA PHE B 212 23.67 14.73 1.07
C PHE B 212 23.61 14.13 -0.33
N MET B 213 22.65 14.58 -1.14
CA MET B 213 22.55 14.07 -2.50
C MET B 213 23.79 14.43 -3.31
N LEU B 214 24.33 15.64 -3.10
CA LEU B 214 25.53 16.07 -3.81
C LEU B 214 26.70 15.15 -3.49
N VAL B 215 26.91 14.86 -2.21
CA VAL B 215 28.06 14.02 -1.84
C VAL B 215 27.87 12.59 -2.34
N VAL B 216 26.63 12.09 -2.32
CA VAL B 216 26.38 10.75 -2.84
C VAL B 216 26.69 10.71 -4.34
N SER B 217 26.25 11.73 -5.08
CA SER B 217 26.54 11.76 -6.52
C SER B 217 28.05 11.87 -6.78
N LEU B 218 28.76 12.65 -5.96
CA LEU B 218 30.21 12.74 -6.11
C LEU B 218 30.87 11.39 -5.88
N VAL B 219 30.43 10.66 -4.86
CA VAL B 219 30.98 9.32 -4.61
C VAL B 219 30.71 8.41 -5.79
N SER B 220 29.50 8.46 -6.33
CA SER B 220 29.17 7.62 -7.49
C SER B 220 30.05 7.94 -8.68
N LEU B 221 30.25 9.23 -8.96
CA LEU B 221 31.11 9.63 -10.07
C LEU B 221 32.54 9.16 -9.86
N ALA B 222 33.04 9.29 -8.62
CA ALA B 222 34.40 8.84 -8.34
C ALA B 222 34.54 7.33 -8.55
N LEU B 223 33.56 6.56 -8.09
CA LEU B 223 33.62 5.12 -8.29
C LEU B 223 33.59 4.76 -9.78
N ASN B 224 32.72 5.42 -10.54
CA ASN B 224 32.64 5.13 -11.97
C ASN B 224 33.95 5.47 -12.68
N ILE B 225 34.53 6.62 -12.36
CA ILE B 225 35.77 7.00 -13.04
C ILE B 225 36.92 6.09 -12.62
N ILE B 226 36.93 5.63 -11.37
CA ILE B 226 37.95 4.67 -10.94
C ILE B 226 37.82 3.37 -11.71
N GLU B 227 36.58 2.88 -11.86
CA GLU B 227 36.37 1.65 -12.63
C GLU B 227 36.82 1.82 -14.08
N LEU B 228 36.48 2.95 -14.69
CA LEU B 228 36.89 3.20 -16.08
C LEU B 228 38.41 3.26 -16.19
N PHE B 229 39.06 3.94 -15.25
CA PHE B 229 40.52 4.03 -15.27
C PHE B 229 41.14 2.65 -15.14
N TYR B 230 40.62 1.82 -14.23
CA TYR B 230 41.16 0.48 -14.04
C TYR B 230 41.01 -0.36 -15.32
N VAL B 231 39.81 -0.34 -15.92
CA VAL B 231 39.60 -1.20 -17.08
C VAL B 231 40.45 -0.71 -18.26
N PHE B 232 40.58 0.60 -18.44
CA PHE B 232 41.41 1.11 -19.51
C PHE B 232 42.88 0.77 -19.27
N PHE B 233 43.35 0.90 -18.03
CA PHE B 233 44.74 0.60 -17.71
C PHE B 233 45.04 -0.88 -17.96
N LYS B 234 44.10 -1.76 -17.60
CA LYS B 234 44.30 -3.18 -17.86
C LYS B 234 44.23 -3.48 -19.35
N GLY B 235 43.38 -2.77 -20.10
CA GLY B 235 43.30 -3.00 -21.53
C GLY B 235 44.50 -2.49 -22.30
N VAL B 236 45.20 -1.50 -21.75
CA VAL B 236 46.42 -1.02 -22.39
C VAL B 236 47.48 -2.11 -22.40
N LYS B 237 47.62 -2.82 -21.28
CA LYS B 237 48.61 -3.90 -21.19
C LYS B 237 48.26 -5.11 -22.04
N ASP B 238 47.04 -5.17 -22.57
CA ASP B 238 46.59 -6.28 -23.41
C ASP B 238 46.72 -7.63 -22.70
N GLY C 2 12.80 -26.73 -1.81
CA GLY C 2 14.04 -27.13 -1.17
C GLY C 2 15.27 -26.44 -1.73
N ASP C 3 15.31 -25.12 -1.57
CA ASP C 3 16.41 -24.31 -2.06
C ASP C 3 16.88 -23.33 -0.98
N TRP C 4 17.00 -23.81 0.25
CA TRP C 4 17.42 -22.99 1.37
C TRP C 4 18.77 -23.39 1.93
N SER C 5 19.44 -24.38 1.33
CA SER C 5 20.71 -24.86 1.87
C SER C 5 21.80 -23.80 1.74
N ALA C 6 21.89 -23.15 0.58
CA ALA C 6 22.92 -22.13 0.37
C ALA C 6 22.71 -20.93 1.28
N LEU C 7 21.46 -20.51 1.47
CA LEU C 7 21.17 -19.40 2.37
C LEU C 7 21.57 -19.75 3.80
N GLY C 8 21.25 -20.96 4.24
CA GLY C 8 21.67 -21.39 5.57
C GLY C 8 23.17 -21.46 5.71
N LYS C 9 23.86 -21.93 4.66
CA LYS C 9 25.32 -21.99 4.69
C LYS C 9 25.91 -20.59 4.85
N LEU C 10 25.43 -19.64 4.06
CA LEU C 10 25.92 -18.26 4.19
C LEU C 10 25.61 -17.69 5.56
N LEU C 11 24.42 -17.97 6.08
CA LEU C 11 24.03 -17.44 7.39
C LEU C 11 24.93 -18.00 8.50
N ASP C 12 25.23 -19.29 8.45
CA ASP C 12 26.09 -19.86 9.49
C ASP C 12 27.55 -19.47 9.31
N LYS C 13 27.99 -19.22 8.07
CA LYS C 13 29.37 -18.81 7.87
C LYS C 13 29.61 -17.36 8.26
N VAL C 14 28.60 -16.50 8.09
CA VAL C 14 28.77 -15.10 8.46
C VAL C 14 28.75 -14.90 9.97
N GLN C 15 28.30 -15.90 10.73
CA GLN C 15 28.20 -15.81 12.19
C GLN C 15 29.30 -16.61 12.89
N ALA C 16 30.51 -16.60 12.34
CA ALA C 16 31.57 -17.46 12.86
C ALA C 16 32.05 -16.99 14.22
N TYR C 17 32.54 -15.76 14.31
CA TYR C 17 33.20 -15.28 15.51
C TYR C 17 32.26 -14.61 16.51
N SER C 18 30.98 -14.48 16.18
CA SER C 18 30.05 -13.82 17.07
C SER C 18 29.67 -14.73 18.24
N THR C 19 29.25 -14.11 19.33
CA THR C 19 28.84 -14.85 20.52
C THR C 19 27.54 -15.62 20.25
N ALA C 20 27.35 -16.68 21.03
CA ALA C 20 26.13 -17.48 20.89
C ALA C 20 24.90 -16.67 21.25
N GLY C 21 24.97 -15.88 22.31
CA GLY C 21 23.81 -15.13 22.76
C GLY C 21 23.61 -13.79 22.08
N GLY C 22 24.70 -13.17 21.63
CA GLY C 22 24.60 -11.82 21.10
C GLY C 22 23.80 -11.73 19.82
N LYS C 23 23.80 -12.79 19.01
CA LYS C 23 23.12 -12.75 17.72
C LYS C 23 21.63 -12.47 17.88
N VAL C 24 20.96 -13.27 18.71
CA VAL C 24 19.51 -13.12 18.87
C VAL C 24 19.18 -11.77 19.48
N TRP C 25 19.93 -11.35 20.49
CA TRP C 25 19.65 -10.07 21.12
C TRP C 25 19.78 -8.91 20.13
N LEU C 26 20.87 -8.90 19.36
CA LEU C 26 21.05 -7.82 18.40
C LEU C 26 19.98 -7.85 17.31
N SER C 27 19.64 -9.04 16.81
CA SER C 27 18.64 -9.13 15.76
C SER C 27 17.28 -8.64 16.25
N VAL C 28 16.86 -9.09 17.44
CA VAL C 28 15.56 -8.67 17.94
C VAL C 28 15.57 -7.19 18.30
N LEU C 29 16.71 -6.65 18.74
CA LEU C 29 16.78 -5.21 18.98
C LEU C 29 16.60 -4.44 17.70
N PHE C 30 17.23 -4.88 16.61
CA PHE C 30 17.06 -4.21 15.33
C PHE C 30 15.61 -4.29 14.85
N ILE C 31 14.99 -5.46 15.01
CA ILE C 31 13.60 -5.64 14.58
C ILE C 31 12.68 -4.74 15.41
N PHE C 32 12.91 -4.68 16.72
CA PHE C 32 12.11 -3.82 17.58
C PHE C 32 12.27 -2.36 17.18
N ARG C 33 13.50 -1.94 16.89
CA ARG C 33 13.73 -0.55 16.51
C ARG C 33 12.99 -0.21 15.23
N ILE C 34 13.11 -1.06 14.21
CA ILE C 34 12.47 -0.73 12.93
C ILE C 34 10.95 -0.78 13.05
N LEU C 35 10.42 -1.75 13.82
CA LEU C 35 8.98 -1.82 14.01
C LEU C 35 8.45 -0.60 14.74
N LEU C 36 9.14 -0.16 15.80
CA LEU C 36 8.70 1.01 16.53
C LEU C 36 8.79 2.26 15.65
N LEU C 37 9.85 2.37 14.84
CA LEU C 37 9.99 3.54 13.98
C LEU C 37 8.92 3.59 12.91
N GLY C 38 8.52 2.44 12.37
CA GLY C 38 7.56 2.44 11.27
C GLY C 38 6.10 2.39 11.66
N THR C 39 5.80 1.86 12.84
CA THR C 39 4.41 1.55 13.17
C THR C 39 3.65 2.77 13.70
N ALA C 40 4.09 3.32 14.83
CA ALA C 40 3.30 4.32 15.53
C ALA C 40 3.96 5.68 15.70
N VAL C 41 5.28 5.72 15.90
CA VAL C 41 5.94 6.99 16.15
C VAL C 41 5.86 7.91 14.95
N GLU C 42 5.69 7.36 13.74
CA GLU C 42 5.60 8.20 12.55
C GLU C 42 4.34 9.06 12.58
N SER C 43 3.22 8.48 13.04
CA SER C 43 1.97 9.24 13.08
C SER C 43 2.03 10.36 14.11
N ALA C 44 2.87 10.24 15.13
CA ALA C 44 2.98 11.29 16.14
C ALA C 44 3.52 12.58 15.53
N TRP C 45 4.34 12.48 14.49
CA TRP C 45 4.84 13.64 13.76
C TRP C 45 4.04 13.90 12.49
N GLY C 46 2.78 13.49 12.46
CA GLY C 46 1.95 13.78 11.30
C GLY C 46 1.70 15.26 11.12
N ASP C 47 1.44 15.96 12.23
CA ASP C 47 1.19 17.40 12.21
C ASP C 47 2.36 18.09 12.92
N GLU C 48 3.40 18.37 12.16
CA GLU C 48 4.56 19.07 12.69
C GLU C 48 4.45 20.58 12.54
N GLN C 49 3.85 21.06 11.46
CA GLN C 49 3.77 22.48 11.17
C GLN C 49 2.35 23.02 11.09
N SER C 50 1.35 22.15 10.88
CA SER C 50 -0.03 22.63 10.78
C SER C 50 -0.54 23.15 12.12
N ALA C 51 -0.22 22.45 13.21
CA ALA C 51 -0.69 22.84 14.53
C ALA C 51 0.24 23.82 15.24
N PHE C 52 1.41 24.11 14.65
CA PHE C 52 2.36 25.02 15.26
C PHE C 52 1.89 26.46 15.04
N ARG C 53 1.61 27.17 16.12
CA ARG C 53 1.12 28.54 16.06
C ARG C 53 1.98 29.45 16.91
N CYS C 54 2.13 30.70 16.46
CA CYS C 54 2.82 31.74 17.20
C CYS C 54 1.86 32.89 17.46
N ASN C 55 2.10 33.62 18.55
CA ASN C 55 1.21 34.70 18.96
C ASN C 55 1.70 36.02 18.35
N THR C 56 1.27 36.26 17.12
CA THR C 56 1.63 37.48 16.40
C THR C 56 0.63 37.70 15.28
N GLN C 57 0.72 38.89 14.68
CA GLN C 57 -0.11 39.23 13.53
C GLN C 57 0.69 39.42 12.25
N GLN C 58 2.01 39.49 12.32
CA GLN C 58 2.83 39.68 11.14
C GLN C 58 2.82 38.41 10.29
N PRO C 59 2.45 38.49 9.02
CA PRO C 59 2.47 37.30 8.17
C PRO C 59 3.90 36.88 7.84
N GLY C 60 4.11 35.56 7.83
CA GLY C 60 5.40 34.99 7.47
C GLY C 60 6.37 34.81 8.61
N CYS C 61 6.08 35.34 9.79
CA CYS C 61 6.98 35.17 10.92
C CYS C 61 6.96 33.74 11.44
N GLU C 62 5.81 33.08 11.40
CA GLU C 62 5.71 31.73 11.92
C GLU C 62 6.59 30.75 11.15
N ASN C 63 6.73 30.96 9.83
CA ASN C 63 7.57 30.07 9.03
C ASN C 63 9.01 30.10 9.50
N VAL C 64 9.59 31.30 9.60
CA VAL C 64 11.00 31.40 10.00
C VAL C 64 11.16 30.98 11.45
N CYS C 65 10.18 31.27 12.31
CA CYS C 65 10.30 30.83 13.70
C CYS C 65 10.29 29.31 13.80
N TYR C 66 9.42 28.65 13.03
CA TYR C 66 9.42 27.19 13.00
C TYR C 66 10.73 26.65 12.45
N ASP C 67 11.27 27.30 11.42
CA ASP C 67 12.55 26.85 10.86
C ASP C 67 13.66 26.94 11.90
N LYS C 68 13.70 28.04 12.66
CA LYS C 68 14.75 28.20 13.66
C LYS C 68 14.55 27.24 14.83
N SER C 69 13.30 27.01 15.24
CA SER C 69 13.04 26.13 16.37
C SER C 69 13.45 24.69 16.08
N PHE C 70 13.12 24.21 14.88
CA PHE C 70 13.38 22.82 14.47
C PHE C 70 14.27 22.82 13.24
N PRO C 71 15.59 22.80 13.40
CA PRO C 71 16.46 22.68 12.23
C PRO C 71 16.24 21.40 11.44
N ILE C 72 15.88 20.31 12.12
CA ILE C 72 15.63 19.04 11.44
C ILE C 72 14.74 18.16 12.31
N SER C 73 13.75 17.52 11.70
CA SER C 73 12.84 16.66 12.45
C SER C 73 13.58 15.44 12.98
N HIS C 74 13.18 14.99 14.17
CA HIS C 74 13.87 13.87 14.81
C HIS C 74 13.63 12.56 14.06
N VAL C 75 12.49 12.43 13.39
CA VAL C 75 12.17 11.17 12.71
C VAL C 75 13.17 10.89 11.60
N ARG C 76 13.47 11.90 10.79
CA ARG C 76 14.42 11.70 9.70
C ARG C 76 15.83 11.53 10.22
N PHE C 77 16.15 12.18 11.34
CA PHE C 77 17.45 11.97 11.98
C PHE C 77 17.59 10.51 12.42
N TRP C 78 16.53 9.95 13.01
CA TRP C 78 16.56 8.54 13.42
C TRP C 78 16.66 7.62 12.21
N VAL C 79 15.98 7.97 11.12
CA VAL C 79 16.08 7.16 9.91
C VAL C 79 17.50 7.15 9.38
N LEU C 80 18.13 8.32 9.34
CA LEU C 80 19.53 8.38 8.91
C LEU C 80 20.42 7.58 9.84
N GLN C 81 20.19 7.68 11.14
CA GLN C 81 21.00 6.93 12.11
C GLN C 81 20.88 5.42 11.88
N ILE C 82 19.64 4.94 11.70
CA ILE C 82 19.45 3.49 11.56
C ILE C 82 20.02 3.01 10.23
N ILE C 83 19.88 3.79 9.17
CA ILE C 83 20.42 3.34 7.89
C ILE C 83 21.95 3.34 7.94
N PHE C 84 22.55 4.32 8.64
CA PHE C 84 24.00 4.39 8.72
C PHE C 84 24.56 3.30 9.63
N VAL C 85 23.79 2.85 10.62
CA VAL C 85 24.25 1.72 11.43
C VAL C 85 23.90 0.38 10.80
N SER C 86 23.04 0.36 9.79
CA SER C 86 22.71 -0.89 9.11
C SER C 86 23.56 -1.15 7.87
N VAL C 87 24.10 -0.10 7.24
CA VAL C 87 24.87 -0.30 6.00
C VAL C 87 26.10 -1.20 6.19
N PRO C 88 26.93 -1.03 7.23
CA PRO C 88 28.17 -1.83 7.27
C PRO C 88 27.94 -3.33 7.32
N THR C 89 26.88 -3.77 8.02
CA THR C 89 26.59 -5.20 8.05
C THR C 89 26.23 -5.72 6.67
N LEU C 90 25.47 -4.93 5.90
CA LEU C 90 25.16 -5.32 4.54
C LEU C 90 26.42 -5.40 3.68
N LEU C 91 27.34 -4.44 3.86
CA LEU C 91 28.61 -4.50 3.13
C LEU C 91 29.38 -5.77 3.47
N TYR C 92 29.45 -6.10 4.76
CA TYR C 92 30.16 -7.30 5.19
C TYR C 92 29.53 -8.55 4.59
N LEU C 93 28.19 -8.61 4.61
CA LEU C 93 27.50 -9.77 4.06
C LEU C 93 27.75 -9.92 2.57
N ALA C 94 27.67 -8.81 1.82
CA ALA C 94 27.91 -8.88 0.39
C ALA C 94 29.34 -9.30 0.10
N HIS C 95 30.30 -8.76 0.84
CA HIS C 95 31.70 -9.11 0.61
C HIS C 95 31.95 -10.58 0.88
N VAL C 96 31.43 -11.10 1.99
CA VAL C 96 31.68 -12.50 2.32
C VAL C 96 30.96 -13.42 1.32
N PHE C 97 29.78 -13.01 0.85
CA PHE C 97 29.08 -13.79 -0.15
C PHE C 97 29.89 -13.87 -1.45
N TYR C 98 30.41 -12.73 -1.90
CA TYR C 98 31.18 -12.74 -3.14
C TYR C 98 32.47 -13.54 -3.00
N VAL C 99 33.17 -13.40 -1.88
CA VAL C 99 34.42 -14.17 -1.74
C VAL C 99 34.11 -15.65 -1.60
N MET C 100 32.99 -16.02 -0.98
CA MET C 100 32.62 -17.42 -0.89
C MET C 100 32.30 -17.99 -2.27
N ARG C 101 31.60 -17.22 -3.10
CA ARG C 101 31.35 -17.67 -4.47
C ARG C 101 32.65 -17.81 -5.25
N LYS C 102 33.57 -16.87 -5.06
CA LYS C 102 34.87 -16.97 -5.74
C LYS C 102 35.62 -18.22 -5.32
N GLU C 103 35.63 -18.52 -4.03
CA GLU C 103 36.30 -19.72 -3.54
C GLU C 103 35.61 -20.99 -4.05
N GLU C 104 34.28 -20.97 -4.12
CA GLU C 104 33.55 -22.11 -4.67
C GLU C 104 33.93 -22.35 -6.13
N LYS C 105 34.00 -21.28 -6.93
CA LYS C 105 34.41 -21.44 -8.32
C LYS C 105 35.83 -21.94 -8.43
N LEU C 106 36.73 -21.43 -7.58
CA LEU C 106 38.12 -21.86 -7.62
C LEU C 106 38.25 -23.34 -7.28
N ASN C 107 37.53 -23.79 -6.26
CA ASN C 107 37.62 -25.20 -5.89
C ASN C 107 36.89 -26.09 -6.87
N LYS C 108 35.87 -25.57 -7.55
CA LYS C 108 35.19 -26.35 -8.58
C LYS C 108 36.08 -26.54 -9.80
N LYS C 109 36.84 -25.51 -10.17
CA LYS C 109 37.73 -25.64 -11.33
C LYS C 109 38.90 -26.57 -11.03
N GLU C 110 39.32 -26.67 -9.76
CA GLU C 110 40.45 -27.49 -9.35
C GLU C 110 39.99 -28.78 -8.67
N GLU C 111 38.90 -29.37 -9.14
CA GLU C 111 38.37 -30.60 -8.54
C GLU C 111 39.32 -31.77 -8.76
N ARG C 148 45.58 -15.55 11.15
CA ARG C 148 44.18 -15.14 11.02
C ARG C 148 44.07 -13.64 10.81
N GLY C 149 42.99 -13.23 10.17
CA GLY C 149 42.76 -11.82 9.89
C GLY C 149 42.17 -11.56 8.52
N GLY C 150 42.02 -12.62 7.72
CA GLY C 150 41.42 -12.46 6.41
C GLY C 150 39.97 -12.04 6.47
N LEU C 151 39.27 -12.41 7.54
CA LEU C 151 37.88 -12.03 7.75
C LEU C 151 37.64 -11.32 9.06
N LEU C 152 38.41 -11.63 10.10
CA LEU C 152 38.20 -11.01 11.40
C LEU C 152 38.50 -9.52 11.37
N ARG C 153 39.48 -9.09 10.56
CA ARG C 153 39.81 -7.68 10.48
C ARG C 153 38.63 -6.85 9.98
N THR C 154 37.98 -7.32 8.91
CA THR C 154 36.80 -6.62 8.41
C THR C 154 35.67 -6.64 9.41
N TYR C 155 35.50 -7.75 10.13
CA TYR C 155 34.48 -7.84 11.16
C TYR C 155 34.69 -6.79 12.24
N ILE C 156 35.93 -6.67 12.73
CA ILE C 156 36.23 -5.68 13.76
C ILE C 156 36.05 -4.28 13.21
N ILE C 157 36.43 -4.05 11.95
CA ILE C 157 36.24 -2.73 11.35
C ILE C 157 34.77 -2.36 11.32
N SER C 158 33.92 -3.31 10.92
CA SER C 158 32.49 -3.05 10.88
C SER C 158 31.94 -2.76 12.27
N ILE C 159 32.37 -3.53 13.27
CA ILE C 159 31.88 -3.33 14.63
C ILE C 159 32.26 -1.95 15.14
N LEU C 160 33.53 -1.56 14.95
CA LEU C 160 33.98 -0.26 15.43
C LEU C 160 33.30 0.87 14.67
N PHE C 161 33.05 0.69 13.37
CA PHE C 161 32.32 1.70 12.61
C PHE C 161 30.91 1.88 13.15
N LYS C 162 30.22 0.77 13.44
CA LYS C 162 28.88 0.87 14.00
C LYS C 162 28.91 1.62 15.33
N SER C 163 29.86 1.26 16.20
CA SER C 163 29.94 1.90 17.52
C SER C 163 30.22 3.40 17.38
N ILE C 164 31.17 3.77 16.54
CA ILE C 164 31.54 5.18 16.44
C ILE C 164 30.41 5.98 15.81
N PHE C 165 29.71 5.40 14.82
CA PHE C 165 28.59 6.12 14.21
C PHE C 165 27.46 6.33 15.20
N GLU C 166 27.10 5.29 15.97
CA GLU C 166 26.00 5.46 16.92
C GLU C 166 26.36 6.45 18.02
N VAL C 167 27.60 6.40 18.53
CA VAL C 167 27.98 7.34 19.58
C VAL C 167 28.05 8.76 19.03
N ALA C 168 28.49 8.93 17.78
CA ALA C 168 28.52 10.26 17.18
C ALA C 168 27.11 10.82 17.01
N PHE C 169 26.18 9.99 16.56
CA PHE C 169 24.79 10.44 16.41
C PHE C 169 24.20 10.82 17.76
N LEU C 170 24.47 10.01 18.79
CA LEU C 170 23.96 10.35 20.13
C LEU C 170 24.54 11.67 20.61
N LEU C 171 25.84 11.89 20.40
CA LEU C 171 26.47 13.14 20.83
C LEU C 171 25.87 14.32 20.09
N ILE C 172 25.64 14.17 18.79
CA ILE C 172 25.05 15.26 18.00
C ILE C 172 23.65 15.57 18.51
N GLN C 173 22.85 14.54 18.78
CA GLN C 173 21.51 14.77 19.28
C GLN C 173 21.53 15.46 20.65
N TRP C 174 22.47 15.07 21.51
CA TRP C 174 22.61 15.75 22.79
C TRP C 174 23.01 17.22 22.60
N TYR C 175 23.88 17.48 21.63
CA TYR C 175 24.38 18.84 21.44
C TYR C 175 23.33 19.76 20.83
N ILE C 176 22.49 19.25 19.95
CA ILE C 176 21.56 20.12 19.21
C ILE C 176 20.25 20.28 19.95
N TYR C 177 19.53 19.19 20.16
CA TYR C 177 18.19 19.25 20.72
C TYR C 177 18.13 19.01 22.22
N GLY C 178 19.14 18.37 22.80
CA GLY C 178 18.98 17.97 24.17
C GLY C 178 17.99 16.82 24.24
N PHE C 179 17.45 16.61 25.45
CA PHE C 179 16.51 15.52 25.69
C PHE C 179 15.31 16.01 26.48
N SER C 180 14.82 17.21 26.16
CA SER C 180 13.63 17.74 26.79
C SER C 180 13.03 18.81 25.87
N LEU C 181 11.70 18.86 25.85
CA LEU C 181 10.99 19.83 25.02
C LEU C 181 10.01 20.60 25.89
N SER C 182 10.00 21.92 25.73
CA SER C 182 9.08 22.79 26.46
C SER C 182 7.99 23.29 25.51
N ALA C 183 6.77 23.40 26.04
CA ALA C 183 5.63 23.77 25.22
C ALA C 183 5.68 25.22 24.76
N VAL C 184 6.53 26.05 25.33
CA VAL C 184 6.63 27.46 24.99
C VAL C 184 8.04 27.74 24.48
N TYR C 185 8.13 28.42 23.33
CA TYR C 185 9.41 28.77 22.74
C TYR C 185 9.43 30.24 22.41
N THR C 186 10.61 30.85 22.53
CA THR C 186 10.82 32.26 22.25
C THR C 186 11.60 32.41 20.95
N CYS C 187 11.08 33.22 20.04
CA CYS C 187 11.65 33.41 18.72
C CYS C 187 12.09 34.86 18.56
N LYS C 188 13.33 35.06 18.12
CA LYS C 188 13.94 36.38 17.98
C LYS C 188 14.64 36.49 16.63
N ARG C 189 13.95 36.12 15.57
CA ARG C 189 14.51 36.13 14.23
C ARG C 189 13.73 37.07 13.34
N ASP C 190 14.42 37.68 12.38
CA ASP C 190 13.78 38.58 11.45
C ASP C 190 12.81 37.83 10.55
N PRO C 191 11.74 38.49 10.07
CA PRO C 191 11.37 39.89 10.29
C PRO C 191 10.46 40.06 11.50
N CYS C 192 10.38 39.08 12.39
CA CYS C 192 9.54 39.21 13.57
C CYS C 192 10.07 40.33 14.47
N PRO C 193 9.19 41.20 14.95
CA PRO C 193 9.64 42.25 15.87
C PRO C 193 10.12 41.68 17.19
N HIS C 194 11.13 42.35 17.77
CA HIS C 194 11.82 41.95 18.99
C HIS C 194 11.74 40.46 19.30
N GLN C 195 10.77 40.06 20.11
CA GLN C 195 10.59 38.67 20.52
C GLN C 195 9.14 38.28 20.36
N VAL C 196 8.91 37.02 19.97
CA VAL C 196 7.56 36.47 19.86
C VAL C 196 7.55 35.11 20.54
N ASP C 197 6.34 34.65 20.87
CA ASP C 197 6.14 33.39 21.55
C ASP C 197 5.43 32.40 20.65
N CYS C 198 5.84 31.14 20.71
CA CYS C 198 5.24 30.08 19.92
C CYS C 198 5.00 28.87 20.80
N PHE C 199 4.03 28.05 20.39
CA PHE C 199 3.65 26.86 21.12
C PHE C 199 3.78 25.63 20.23
N LEU C 200 4.32 24.55 20.79
CA LEU C 200 4.47 23.30 20.06
C LEU C 200 3.22 22.45 20.26
N SER C 201 3.29 21.18 19.87
CA SER C 201 2.18 20.26 20.01
C SER C 201 2.68 18.97 20.67
N ARG C 202 1.84 18.42 21.56
CA ARG C 202 2.05 17.18 22.32
C ARG C 202 3.51 16.96 22.70
N PRO C 203 4.12 17.89 23.45
CA PRO C 203 5.54 17.72 23.79
C PRO C 203 5.82 16.49 24.65
N THR C 204 4.88 16.10 25.51
CA THR C 204 5.12 14.96 26.40
C THR C 204 5.33 13.68 25.62
N GLU C 205 4.49 13.44 24.61
CA GLU C 205 4.60 12.22 23.81
C GLU C 205 5.94 12.17 23.09
N LYS C 206 6.35 13.30 22.50
CA LYS C 206 7.63 13.35 21.79
C LYS C 206 8.79 13.13 22.76
N THR C 207 8.70 13.70 23.96
CA THR C 207 9.75 13.49 24.95
C THR C 207 9.85 12.01 25.34
N ILE C 208 8.70 11.35 25.53
CA ILE C 208 8.70 9.95 25.88
C ILE C 208 9.36 9.12 24.77
N PHE C 209 8.99 9.41 23.52
CA PHE C 209 9.57 8.65 22.42
C PHE C 209 11.06 8.93 22.27
N ILE C 210 11.49 10.16 22.54
CA ILE C 210 12.92 10.49 22.50
C ILE C 210 13.67 9.68 23.55
N ILE C 211 13.11 9.58 24.75
CA ILE C 211 13.74 8.79 25.81
C ILE C 211 13.81 7.32 25.39
N PHE C 212 12.74 6.82 24.77
CA PHE C 212 12.74 5.43 24.32
C PHE C 212 13.84 5.17 23.30
N MET C 213 13.96 6.06 22.32
CA MET C 213 15.03 5.91 21.32
C MET C 213 16.40 6.00 21.97
N LEU C 214 16.55 6.88 22.96
CA LEU C 214 17.83 7.02 23.65
C LEU C 214 18.22 5.73 24.35
N VAL C 215 17.27 5.12 25.08
CA VAL C 215 17.60 3.90 25.82
C VAL C 215 17.86 2.75 24.85
N VAL C 216 17.13 2.69 23.74
CA VAL C 216 17.39 1.65 22.75
C VAL C 216 18.80 1.80 22.18
N SER C 217 19.19 3.03 21.85
CA SER C 217 20.53 3.26 21.33
C SER C 217 21.60 2.91 22.35
N LEU C 218 21.35 3.23 23.63
CA LEU C 218 22.30 2.87 24.67
C LEU C 218 22.46 1.35 24.77
N VAL C 219 21.35 0.62 24.70
CA VAL C 219 21.41 -0.84 24.74
C VAL C 219 22.21 -1.36 23.55
N SER C 220 21.97 -0.81 22.37
CA SER C 220 22.71 -1.24 21.18
C SER C 220 24.20 -1.00 21.35
N LEU C 221 24.58 0.18 21.85
CA LEU C 221 25.99 0.49 22.05
C LEU C 221 26.62 -0.46 23.07
N ALA C 222 25.89 -0.75 24.15
CA ALA C 222 26.42 -1.67 25.15
C ALA C 222 26.63 -3.07 24.57
N LEU C 223 25.67 -3.55 23.77
CA LEU C 223 25.84 -4.86 23.15
C LEU C 223 27.04 -4.88 22.21
N ASN C 224 27.19 -3.84 21.40
CA ASN C 224 28.31 -3.80 20.46
C ASN C 224 29.65 -3.77 21.20
N ILE C 225 29.74 -2.96 22.26
CA ILE C 225 31.01 -2.88 22.98
C ILE C 225 31.29 -4.18 23.72
N ILE C 226 30.25 -4.88 24.21
CA ILE C 226 30.46 -6.17 24.84
C ILE C 226 30.98 -7.18 23.83
N GLU C 227 30.41 -7.19 22.63
CA GLU C 227 30.88 -8.10 21.58
C GLU C 227 32.33 -7.81 21.23
N LEU C 228 32.67 -6.52 21.08
CA LEU C 228 34.05 -6.16 20.76
C LEU C 228 35.01 -6.58 21.86
N PHE C 229 34.62 -6.35 23.12
CA PHE C 229 35.47 -6.76 24.23
C PHE C 229 35.68 -8.27 24.25
N TYR C 230 34.61 -9.03 24.00
CA TYR C 230 34.73 -10.49 24.00
C TYR C 230 35.68 -10.95 22.89
N VAL C 231 35.50 -10.42 21.68
CA VAL C 231 36.32 -10.91 20.57
C VAL C 231 37.77 -10.51 20.76
N PHE C 232 38.02 -9.30 21.28
CA PHE C 232 39.40 -8.90 21.53
C PHE C 232 40.03 -9.74 22.64
N PHE C 233 39.26 -10.03 23.70
CA PHE C 233 39.78 -10.83 24.80
C PHE C 233 40.11 -12.24 24.32
N LYS C 234 39.27 -12.82 23.46
CA LYS C 234 39.56 -14.14 22.94
C LYS C 234 40.75 -14.10 21.97
N GLY C 235 40.89 -13.01 21.21
CA GLY C 235 42.02 -12.91 20.30
C GLY C 235 43.35 -12.68 20.99
N VAL C 236 43.31 -12.10 22.19
CA VAL C 236 44.55 -11.94 22.96
C VAL C 236 45.13 -13.30 23.33
N LYS C 237 44.27 -14.23 23.76
CA LYS C 237 44.73 -15.56 24.14
C LYS C 237 45.20 -16.39 22.95
N ASP C 238 44.95 -15.94 21.72
CA ASP C 238 45.36 -16.64 20.51
C ASP C 238 44.81 -18.07 20.47
N GLY D 2 7.99 -28.48 -1.52
CA GLY D 2 8.14 -29.39 -0.41
C GLY D 2 9.30 -29.05 0.50
N ASP D 3 9.23 -27.88 1.12
CA ASP D 3 10.26 -27.40 2.03
C ASP D 3 9.65 -26.87 3.32
N TRP D 4 8.68 -27.60 3.87
CA TRP D 4 8.01 -27.20 5.09
C TRP D 4 8.29 -28.14 6.26
N SER D 5 9.14 -29.15 6.07
CA SER D 5 9.38 -30.13 7.13
C SER D 5 10.13 -29.49 8.30
N ALA D 6 11.15 -28.69 8.02
CA ALA D 6 11.91 -28.06 9.09
C ALA D 6 11.07 -27.06 9.87
N LEU D 7 10.23 -26.29 9.17
CA LEU D 7 9.35 -25.36 9.87
C LEU D 7 8.38 -26.09 10.77
N GLY D 8 7.81 -27.20 10.30
CA GLY D 8 6.93 -27.98 11.14
C GLY D 8 7.65 -28.59 12.33
N LYS D 9 8.89 -29.04 12.12
CA LYS D 9 9.67 -29.59 13.22
C LYS D 9 9.92 -28.53 14.29
N LEU D 10 10.32 -27.33 13.88
CA LEU D 10 10.52 -26.25 14.86
C LEU D 10 9.22 -25.90 15.56
N LEU D 11 8.11 -25.85 14.82
CA LEU D 11 6.82 -25.51 15.41
C LEU D 11 6.39 -26.53 16.46
N ASP D 12 6.57 -27.82 16.15
CA ASP D 12 6.17 -28.84 17.13
C ASP D 12 7.15 -28.93 18.29
N LYS D 13 8.42 -28.60 18.09
CA LYS D 13 9.38 -28.65 19.19
C LYS D 13 9.21 -27.47 20.13
N VAL D 14 8.80 -26.30 19.61
CA VAL D 14 8.62 -25.14 20.47
C VAL D 14 7.37 -25.26 21.33
N GLN D 15 6.46 -26.18 20.99
CA GLN D 15 5.20 -26.35 21.71
C GLN D 15 5.22 -27.59 22.60
N ALA D 16 6.35 -27.88 23.24
CA ALA D 16 6.49 -29.13 23.98
C ALA D 16 5.63 -29.12 25.24
N TYR D 17 5.86 -28.17 26.13
CA TYR D 17 5.25 -28.19 27.46
C TYR D 17 3.91 -27.46 27.52
N SER D 18 3.47 -26.85 26.42
CA SER D 18 2.22 -26.10 26.44
C SER D 18 1.03 -27.05 26.40
N THR D 19 -0.10 -26.56 26.89
CA THR D 19 -1.33 -27.35 26.91
C THR D 19 -1.85 -27.56 25.50
N ALA D 20 -2.63 -28.63 25.34
CA ALA D 20 -3.20 -28.93 24.04
C ALA D 20 -4.18 -27.84 23.59
N GLY D 21 -5.00 -27.34 24.51
CA GLY D 21 -6.01 -26.36 24.15
C GLY D 21 -5.51 -24.92 24.16
N GLY D 22 -4.52 -24.63 25.01
CA GLY D 22 -4.10 -23.24 25.17
C GLY D 22 -3.49 -22.64 23.93
N LYS D 23 -2.84 -23.45 23.10
CA LYS D 23 -2.15 -22.93 21.93
C LYS D 23 -3.10 -22.21 20.99
N VAL D 24 -4.18 -22.89 20.60
CA VAL D 24 -5.11 -22.30 19.64
C VAL D 24 -5.78 -21.06 20.22
N TRP D 25 -6.19 -21.13 21.49
CA TRP D 25 -6.84 -19.98 22.12
C TRP D 25 -5.92 -18.76 22.14
N LEU D 26 -4.67 -18.96 22.56
CA LEU D 26 -3.74 -17.83 22.62
C LEU D 26 -3.45 -17.28 21.24
N SER D 27 -3.24 -18.16 20.25
CA SER D 27 -2.93 -17.71 18.90
C SER D 27 -4.09 -16.91 18.31
N VAL D 28 -5.31 -17.41 18.45
CA VAL D 28 -6.45 -16.70 17.89
C VAL D 28 -6.71 -15.41 18.65
N LEU D 29 -6.42 -15.37 19.96
CA LEU D 29 -6.56 -14.13 20.69
C LEU D 29 -5.57 -13.08 20.18
N PHE D 30 -4.32 -13.50 19.93
CA PHE D 30 -3.34 -12.56 19.39
C PHE D 30 -3.77 -12.06 18.01
N ILE D 31 -4.25 -12.97 17.15
CA ILE D 31 -4.68 -12.56 15.82
C ILE D 31 -5.86 -11.60 15.90
N PHE D 32 -6.83 -11.89 16.78
CA PHE D 32 -7.96 -11.00 16.96
C PHE D 32 -7.51 -9.63 17.43
N ARG D 33 -6.58 -9.59 18.39
CA ARG D 33 -6.09 -8.32 18.90
C ARG D 33 -5.43 -7.50 17.80
N ILE D 34 -4.54 -8.11 17.02
CA ILE D 34 -3.83 -7.35 16.00
C ILE D 34 -4.78 -6.90 14.89
N LEU D 35 -5.73 -7.77 14.52
CA LEU D 35 -6.69 -7.39 13.49
C LEU D 35 -7.56 -6.23 13.94
N LEU D 36 -8.06 -6.28 15.19
CA LEU D 36 -8.87 -5.18 15.70
C LEU D 36 -8.07 -3.90 15.79
N LEU D 37 -6.81 -4.00 16.21
CA LEU D 37 -5.99 -2.79 16.33
C LEU D 37 -5.69 -2.17 14.97
N GLY D 38 -5.49 -2.99 13.94
CA GLY D 38 -5.11 -2.45 12.65
C GLY D 38 -6.25 -2.09 11.72
N THR D 39 -7.41 -2.72 11.90
CA THR D 39 -8.47 -2.60 10.89
C THR D 39 -9.29 -1.32 11.07
N ALA D 40 -9.98 -1.18 12.20
CA ALA D 40 -10.99 -0.14 12.35
C ALA D 40 -10.71 0.85 13.47
N VAL D 41 -10.15 0.41 14.60
CA VAL D 41 -9.96 1.32 15.73
C VAL D 41 -8.98 2.43 15.40
N GLU D 42 -8.09 2.22 14.42
CA GLU D 42 -7.13 3.26 14.06
C GLU D 42 -7.84 4.46 13.45
N SER D 43 -8.86 4.22 12.62
CA SER D 43 -9.57 5.32 11.99
C SER D 43 -10.37 6.13 12.99
N ALA D 44 -10.75 5.53 14.12
CA ALA D 44 -11.50 6.26 15.14
C ALA D 44 -10.66 7.39 15.73
N TRP D 45 -9.35 7.23 15.77
CA TRP D 45 -8.43 8.27 16.22
C TRP D 45 -7.81 9.04 15.06
N GLY D 46 -8.51 9.09 13.92
CA GLY D 46 -8.00 9.86 12.79
C GLY D 46 -7.97 11.35 13.08
N ASP D 47 -9.00 11.86 13.74
CA ASP D 47 -9.10 13.27 14.10
C ASP D 47 -9.02 13.38 15.62
N GLU D 48 -7.79 13.44 16.13
CA GLU D 48 -7.58 13.59 17.57
C GLU D 48 -7.48 15.05 17.99
N GLN D 49 -6.91 15.91 17.15
CA GLN D 49 -6.68 17.30 17.49
C GLN D 49 -7.39 18.28 16.58
N SER D 50 -7.80 17.86 15.38
CA SER D 50 -8.47 18.78 14.46
C SER D 50 -9.85 19.16 14.98
N ALA D 51 -10.60 18.19 15.51
CA ALA D 51 -11.95 18.45 16.00
C ALA D 51 -11.98 18.90 17.45
N PHE D 52 -10.85 18.89 18.14
CA PHE D 52 -10.80 19.31 19.55
C PHE D 52 -10.84 20.82 19.63
N ARG D 53 -11.88 21.36 20.27
CA ARG D 53 -12.07 22.79 20.38
C ARG D 53 -12.28 23.18 21.84
N CYS D 54 -11.79 24.36 22.20
CA CYS D 54 -12.00 24.95 23.51
C CYS D 54 -12.72 26.28 23.36
N ASN D 55 -13.47 26.65 24.40
CA ASN D 55 -14.29 27.86 24.36
C ASN D 55 -13.47 29.03 24.93
N THR D 56 -12.68 29.64 24.05
CA THR D 56 -11.87 30.78 24.43
C THR D 56 -11.48 31.55 23.17
N GLN D 57 -10.91 32.73 23.37
CA GLN D 57 -10.41 33.55 22.29
C GLN D 57 -8.89 33.72 22.30
N GLN D 58 -8.22 33.33 23.37
CA GLN D 58 -6.77 33.46 23.44
C GLN D 58 -6.11 32.47 22.50
N PRO D 59 -5.25 32.92 21.59
CA PRO D 59 -4.56 31.98 20.70
C PRO D 59 -3.51 31.17 21.45
N GLY D 60 -3.41 29.90 21.10
CA GLY D 60 -2.41 29.02 21.66
C GLY D 60 -2.82 28.29 22.93
N CYS D 61 -3.95 28.65 23.52
CA CYS D 61 -4.39 27.96 24.74
C CYS D 61 -4.86 26.54 24.44
N GLU D 62 -5.49 26.33 23.28
CA GLU D 62 -6.00 25.01 22.95
C GLU D 62 -4.89 23.98 22.84
N ASN D 63 -3.71 24.38 22.34
CA ASN D 63 -2.61 23.43 22.21
C ASN D 63 -2.18 22.89 23.57
N VAL D 64 -1.92 23.79 24.52
CA VAL D 64 -1.47 23.33 25.84
C VAL D 64 -2.59 22.60 26.56
N CYS D 65 -3.84 23.02 26.39
CA CYS D 65 -4.94 22.30 27.02
C CYS D 65 -5.07 20.88 26.47
N TYR D 66 -4.92 20.72 25.15
CA TYR D 66 -4.93 19.39 24.57
C TYR D 66 -3.76 18.55 25.06
N ASP D 67 -2.59 19.17 25.20
CA ASP D 67 -1.43 18.45 25.70
C ASP D 67 -1.67 17.95 27.12
N LYS D 68 -2.25 18.80 27.98
CA LYS D 68 -2.49 18.39 29.35
C LYS D 68 -3.60 17.35 29.44
N SER D 69 -4.64 17.46 28.61
CA SER D 69 -5.75 16.52 28.67
C SER D 69 -5.30 15.12 28.26
N PHE D 70 -4.50 15.02 27.19
CA PHE D 70 -4.06 13.73 26.65
C PHE D 70 -2.54 13.68 26.68
N PRO D 71 -1.94 13.20 27.76
CA PRO D 71 -0.48 13.02 27.76
C PRO D 71 0.02 12.07 26.69
N ILE D 72 -0.76 11.05 26.35
CA ILE D 72 -0.37 10.10 25.31
C ILE D 72 -1.61 9.43 24.75
N SER D 73 -1.67 9.29 23.43
CA SER D 73 -2.82 8.64 22.79
C SER D 73 -2.87 7.17 23.16
N HIS D 74 -4.09 6.66 23.30
CA HIS D 74 -4.27 5.27 23.71
C HIS D 74 -3.82 4.28 22.64
N VAL D 75 -3.89 4.68 21.37
CA VAL D 75 -3.54 3.76 20.28
C VAL D 75 -2.06 3.39 20.36
N ARG D 76 -1.20 4.39 20.55
CA ARG D 76 0.23 4.10 20.63
C ARG D 76 0.58 3.36 21.92
N PHE D 77 -0.15 3.63 23.00
CA PHE D 77 0.03 2.87 24.22
C PHE D 77 -0.30 1.39 23.99
N TRP D 78 -1.38 1.12 23.28
CA TRP D 78 -1.73 -0.26 22.98
C TRP D 78 -0.71 -0.91 22.06
N VAL D 79 -0.17 -0.15 21.11
CA VAL D 79 0.87 -0.68 20.23
C VAL D 79 2.11 -1.06 21.04
N LEU D 80 2.52 -0.19 21.96
CA LEU D 80 3.66 -0.51 22.81
C LEU D 80 3.36 -1.74 23.67
N GLN D 81 2.15 -1.82 24.21
CA GLN D 81 1.79 -2.98 25.03
C GLN D 81 1.87 -4.28 24.24
N ILE D 82 1.32 -4.28 23.02
CA ILE D 82 1.30 -5.51 22.24
C ILE D 82 2.70 -5.89 21.78
N ILE D 83 3.53 -4.91 21.42
CA ILE D 83 4.88 -5.25 21.01
C ILE D 83 5.69 -5.76 22.19
N PHE D 84 5.47 -5.20 23.39
CA PHE D 84 6.20 -5.65 24.56
C PHE D 84 5.74 -7.02 25.05
N VAL D 85 4.48 -7.38 24.79
CA VAL D 85 4.04 -8.73 25.13
C VAL D 85 4.33 -9.72 24.02
N SER D 86 4.70 -9.25 22.82
CA SER D 86 5.05 -10.15 21.74
C SER D 86 6.55 -10.44 21.64
N VAL D 87 7.40 -9.53 22.12
CA VAL D 87 8.84 -9.72 21.98
C VAL D 87 9.35 -11.00 22.67
N PRO D 88 8.96 -11.32 23.91
CA PRO D 88 9.60 -12.49 24.56
C PRO D 88 9.38 -13.80 23.83
N THR D 89 8.22 -13.99 23.22
CA THR D 89 7.98 -15.21 22.46
C THR D 89 8.93 -15.30 21.26
N LEU D 90 9.15 -14.17 20.59
CA LEU D 90 10.11 -14.15 19.49
C LEU D 90 11.51 -14.47 19.97
N LEU D 91 11.90 -13.94 21.14
CA LEU D 91 13.21 -14.27 21.69
C LEU D 91 13.33 -15.76 21.97
N TYR D 92 12.29 -16.35 22.57
CA TYR D 92 12.31 -17.77 22.86
C TYR D 92 12.42 -18.60 21.58
N LEU D 93 11.66 -18.21 20.55
CA LEU D 93 11.70 -18.94 19.29
C LEU D 93 13.08 -18.86 18.64
N ALA D 94 13.67 -17.66 18.63
CA ALA D 94 15.00 -17.53 18.04
C ALA D 94 16.03 -18.34 18.80
N HIS D 95 15.96 -18.31 20.14
CA HIS D 95 16.92 -19.05 20.95
C HIS D 95 16.81 -20.54 20.70
N VAL D 96 15.58 -21.07 20.69
CA VAL D 96 15.42 -22.51 20.50
C VAL D 96 15.83 -22.91 19.08
N PHE D 97 15.55 -22.04 18.09
CA PHE D 97 15.99 -22.34 16.73
C PHE D 97 17.51 -22.42 16.64
N TYR D 98 18.20 -21.46 17.25
CA TYR D 98 19.66 -21.47 17.18
C TYR D 98 20.25 -22.67 17.92
N VAL D 99 19.72 -23.00 19.10
CA VAL D 99 20.26 -24.15 19.82
C VAL D 99 19.95 -25.44 19.08
N MET D 100 18.79 -25.52 18.41
CA MET D 100 18.49 -26.72 17.63
C MET D 100 19.44 -26.85 16.46
N ARG D 101 19.76 -25.74 15.78
CA ARG D 101 20.73 -25.81 14.70
C ARG D 101 22.11 -26.21 15.23
N LYS D 102 22.49 -25.70 16.39
CA LYS D 102 23.77 -26.09 16.99
C LYS D 102 23.81 -27.58 17.28
N GLU D 103 22.74 -28.11 17.86
CA GLU D 103 22.69 -29.54 18.15
C GLU D 103 22.70 -30.36 16.87
N GLU D 104 22.02 -29.89 15.82
CA GLU D 104 22.03 -30.59 14.55
C GLU D 104 23.45 -30.64 13.97
N LYS D 105 24.17 -29.53 14.04
CA LYS D 105 25.55 -29.53 13.55
C LYS D 105 26.43 -30.46 14.39
N LEU D 106 26.24 -30.44 15.71
CA LEU D 106 27.04 -31.30 16.58
C LEU D 106 26.79 -32.78 16.28
N ASN D 107 25.53 -33.16 16.08
CA ASN D 107 25.23 -34.56 15.80
C ASN D 107 25.63 -34.94 14.39
N LYS D 108 25.63 -33.98 13.46
CA LYS D 108 26.10 -34.26 12.10
C LYS D 108 27.60 -34.49 12.07
N LYS D 109 28.35 -33.73 12.85
CA LYS D 109 29.80 -33.91 12.89
C LYS D 109 30.18 -35.23 13.56
N GLU D 110 29.37 -35.70 14.50
CA GLU D 110 29.63 -36.93 15.25
C GLU D 110 28.79 -38.09 14.76
N GLU D 111 28.56 -38.18 13.46
CA GLU D 111 27.74 -39.25 12.90
C GLU D 111 28.41 -40.61 13.05
N ARG D 148 15.76 -31.71 34.48
CA ARG D 148 15.09 -30.86 33.51
C ARG D 148 15.25 -29.39 33.90
N GLY D 149 15.18 -28.51 32.89
CA GLY D 149 15.33 -27.09 33.13
C GLY D 149 16.14 -26.38 32.07
N GLY D 150 16.69 -27.14 31.13
CA GLY D 150 17.45 -26.54 30.05
C GLY D 150 16.60 -25.68 29.14
N LEU D 151 15.32 -26.00 29.02
CA LEU D 151 14.38 -25.22 28.23
C LEU D 151 13.16 -24.75 28.99
N LEU D 152 12.73 -25.50 30.01
CA LEU D 152 11.54 -25.12 30.78
C LEU D 152 11.78 -23.83 31.56
N ARG D 153 13.00 -23.62 32.04
CA ARG D 153 13.29 -22.41 32.81
C ARG D 153 13.06 -21.16 31.97
N THR D 154 13.57 -21.16 30.73
CA THR D 154 13.35 -20.01 29.85
C THR D 154 11.89 -19.85 29.50
N TYR D 155 11.17 -20.96 29.33
CA TYR D 155 9.75 -20.90 29.04
C TYR D 155 8.98 -20.22 30.18
N ILE D 156 9.27 -20.62 31.42
CA ILE D 156 8.62 -20.02 32.57
C ILE D 156 9.00 -18.56 32.69
N ILE D 157 10.26 -18.22 32.42
CA ILE D 157 10.69 -16.83 32.47
C ILE D 157 9.90 -15.99 31.47
N SER D 158 9.73 -16.50 30.25
CA SER D 158 8.97 -15.77 29.25
C SER D 158 7.52 -15.60 29.67
N ILE D 159 6.91 -16.65 30.22
CA ILE D 159 5.52 -16.56 30.63
C ILE D 159 5.34 -15.52 31.73
N LEU D 160 6.22 -15.55 32.73
CA LEU D 160 6.10 -14.60 33.83
C LEU D 160 6.38 -13.18 33.36
N PHE D 161 7.31 -13.01 32.42
CA PHE D 161 7.55 -11.69 31.87
C PHE D 161 6.33 -11.15 31.15
N LYS D 162 5.68 -12.00 30.34
CA LYS D 162 4.46 -11.57 29.66
C LYS D 162 3.40 -11.15 30.67
N SER D 163 3.20 -11.98 31.70
CA SER D 163 2.17 -11.68 32.69
C SER D 163 2.46 -10.37 33.42
N ILE D 164 3.71 -10.17 33.85
CA ILE D 164 4.03 -8.98 34.62
C ILE D 164 3.94 -7.74 33.74
N PHE D 165 4.35 -7.84 32.47
CA PHE D 165 4.25 -6.68 31.59
C PHE D 165 2.80 -6.31 31.32
N GLU D 166 1.94 -7.30 31.05
CA GLU D 166 0.55 -6.96 30.78
C GLU D 166 -0.14 -6.39 32.01
N VAL D 167 0.13 -6.95 33.19
CA VAL D 167 -0.51 -6.42 34.39
C VAL D 167 0.01 -5.03 34.71
N ALA D 168 1.30 -4.77 34.46
CA ALA D 168 1.84 -3.44 34.68
C ALA D 168 1.22 -2.42 33.75
N PHE D 169 1.06 -2.78 32.47
CA PHE D 169 0.42 -1.87 31.53
C PHE D 169 -1.03 -1.59 31.92
N LEU D 170 -1.76 -2.62 32.35
CA LEU D 170 -3.13 -2.41 32.80
C LEU D 170 -3.18 -1.49 34.01
N LEU D 171 -2.28 -1.68 34.97
CA LEU D 171 -2.26 -0.83 36.15
C LEU D 171 -1.95 0.61 35.77
N ILE D 172 -0.99 0.81 34.86
CA ILE D 172 -0.66 2.17 34.43
C ILE D 172 -1.85 2.83 33.75
N GLN D 173 -2.54 2.08 32.88
CA GLN D 173 -3.71 2.65 32.21
C GLN D 173 -4.80 3.00 33.20
N TRP D 174 -5.01 2.16 34.21
CA TRP D 174 -5.97 2.48 35.26
C TRP D 174 -5.56 3.74 36.02
N TYR D 175 -4.26 3.88 36.29
CA TYR D 175 -3.80 5.00 37.10
C TYR D 175 -3.87 6.32 36.34
N ILE D 176 -3.60 6.32 35.03
CA ILE D 176 -3.49 7.56 34.29
C ILE D 176 -4.83 8.01 33.74
N TYR D 177 -5.42 7.20 32.87
CA TYR D 177 -6.64 7.61 32.17
C TYR D 177 -7.92 7.10 32.82
N GLY D 178 -7.85 6.06 33.64
CA GLY D 178 -9.10 5.47 34.07
C GLY D 178 -9.74 4.73 32.91
N PHE D 179 -11.04 4.48 33.05
CA PHE D 179 -11.78 3.74 32.04
C PHE D 179 -13.10 4.43 31.72
N SER D 180 -13.08 5.76 31.66
CA SER D 180 -14.25 6.53 31.29
C SER D 180 -13.80 7.88 30.77
N LEU D 181 -14.52 8.40 29.77
CA LEU D 181 -14.21 9.69 29.17
C LEU D 181 -15.46 10.55 29.18
N SER D 182 -15.30 11.80 29.60
CA SER D 182 -16.39 12.76 29.62
C SER D 182 -16.21 13.77 28.49
N ALA D 183 -17.32 14.18 27.88
CA ALA D 183 -17.27 15.07 26.73
C ALA D 183 -16.83 16.48 27.09
N VAL D 184 -16.81 16.84 28.37
CA VAL D 184 -16.44 18.17 28.81
C VAL D 184 -15.23 18.07 29.73
N TYR D 185 -14.21 18.89 29.46
CA TYR D 185 -12.99 18.90 30.25
C TYR D 185 -12.66 20.33 30.67
N THR D 186 -12.10 20.45 31.86
CA THR D 186 -11.71 21.74 32.43
C THR D 186 -10.20 21.87 32.40
N CYS D 187 -9.72 22.98 31.84
CA CYS D 187 -8.29 23.22 31.66
C CYS D 187 -7.89 24.44 32.48
N LYS D 188 -6.83 24.30 33.27
CA LYS D 188 -6.34 25.35 34.17
C LYS D 188 -4.83 25.48 34.05
N ARG D 189 -4.33 25.57 32.82
CA ARG D 189 -2.91 25.66 32.56
C ARG D 189 -2.59 26.97 31.85
N ASP D 190 -1.40 27.50 32.12
CA ASP D 190 -0.96 28.73 31.50
C ASP D 190 -0.77 28.53 30.00
N PRO D 191 -0.94 29.59 29.20
CA PRO D 191 -1.31 30.96 29.57
C PRO D 191 -2.82 31.19 29.58
N CYS D 192 -3.62 30.14 29.61
CA CYS D 192 -5.06 30.30 29.63
C CYS D 192 -5.49 30.98 30.93
N PRO D 193 -6.36 31.97 30.86
CA PRO D 193 -6.84 32.61 32.09
C PRO D 193 -7.68 31.65 32.92
N HIS D 194 -7.59 31.81 34.24
CA HIS D 194 -8.23 30.98 35.26
C HIS D 194 -8.56 29.58 34.78
N GLN D 195 -9.79 29.38 34.31
CA GLN D 195 -10.25 28.08 33.85
C GLN D 195 -10.95 28.22 32.50
N VAL D 196 -10.77 27.23 31.64
CA VAL D 196 -11.45 27.19 30.35
C VAL D 196 -12.06 25.80 30.16
N ASP D 197 -13.01 25.72 29.24
CA ASP D 197 -13.72 24.49 28.95
C ASP D 197 -13.39 24.00 27.54
N CYS D 198 -13.24 22.69 27.41
CA CYS D 198 -12.94 22.06 26.13
C CYS D 198 -13.84 20.85 25.93
N PHE D 199 -14.06 20.50 24.67
CA PHE D 199 -14.90 19.38 24.30
C PHE D 199 -14.12 18.39 23.45
N LEU D 200 -14.31 17.11 23.74
CA LEU D 200 -13.66 16.05 22.98
C LEU D 200 -14.53 15.64 21.80
N SER D 201 -14.19 14.53 21.15
CA SER D 201 -14.95 14.02 20.03
C SER D 201 -15.25 12.54 20.25
N ARG D 202 -16.47 12.13 19.87
CA ARG D 202 -17.01 10.78 19.94
C ARG D 202 -16.52 10.01 21.16
N PRO D 203 -16.77 10.51 22.38
CA PRO D 203 -16.28 9.81 23.57
C PRO D 203 -16.86 8.42 23.75
N THR D 204 -18.11 8.19 23.34
CA THR D 204 -18.74 6.89 23.55
C THR D 204 -18.01 5.78 22.79
N GLU D 205 -17.64 6.05 21.54
CA GLU D 205 -16.94 5.05 20.74
C GLU D 205 -15.59 4.71 21.35
N LYS D 206 -14.85 5.72 21.79
CA LYS D 206 -13.56 5.49 22.42
C LYS D 206 -13.71 4.71 23.72
N THR D 207 -14.75 5.02 24.50
CA THR D 207 -14.99 4.27 25.73
C THR D 207 -15.29 2.80 25.43
N ILE D 208 -16.10 2.54 24.40
CA ILE D 208 -16.43 1.17 24.03
C ILE D 208 -15.17 0.41 23.63
N PHE D 209 -14.32 1.05 22.82
CA PHE D 209 -13.09 0.38 22.40
C PHE D 209 -12.13 0.17 23.56
N ILE D 210 -12.09 1.11 24.51
CA ILE D 210 -11.26 0.93 25.69
C ILE D 210 -11.73 -0.27 26.49
N ILE D 211 -13.05 -0.41 26.66
CA ILE D 211 -13.58 -1.56 27.38
C ILE D 211 -13.25 -2.86 26.65
N PHE D 212 -13.33 -2.84 25.32
CA PHE D 212 -12.99 -4.03 24.53
C PHE D 212 -11.53 -4.43 24.74
N MET D 213 -10.62 -3.45 24.68
CA MET D 213 -9.21 -3.75 24.90
C MET D 213 -8.99 -4.26 26.32
N LEU D 214 -9.69 -3.69 27.30
CA LEU D 214 -9.56 -4.13 28.69
C LEU D 214 -9.96 -5.59 28.83
N VAL D 215 -11.10 -5.98 28.26
CA VAL D 215 -11.56 -7.35 28.43
C VAL D 215 -10.64 -8.31 27.67
N VAL D 216 -10.13 -7.90 26.51
CA VAL D 216 -9.18 -8.75 25.79
C VAL D 216 -7.92 -8.97 26.62
N SER D 217 -7.39 -7.91 27.22
CA SER D 217 -6.21 -8.04 28.06
C SER D 217 -6.47 -8.92 29.27
N LEU D 218 -7.66 -8.80 29.86
CA LEU D 218 -8.01 -9.66 31.00
C LEU D 218 -8.04 -11.13 30.58
N VAL D 219 -8.62 -11.42 29.41
CA VAL D 219 -8.64 -12.79 28.91
C VAL D 219 -7.23 -13.30 28.70
N SER D 220 -6.37 -12.47 28.12
CA SER D 220 -4.98 -12.89 27.90
C SER D 220 -4.28 -13.19 29.20
N LEU D 221 -4.46 -12.33 30.21
CA LEU D 221 -3.83 -12.56 31.51
C LEU D 221 -4.34 -13.85 32.15
N ALA D 222 -5.65 -14.09 32.04
CA ALA D 222 -6.22 -15.31 32.61
C ALA D 222 -5.64 -16.55 31.92
N LEU D 223 -5.53 -16.51 30.60
CA LEU D 223 -4.95 -17.65 29.89
C LEU D 223 -3.51 -17.88 30.29
N ASN D 224 -2.72 -16.82 30.39
CA ASN D 224 -1.33 -16.96 30.78
C ASN D 224 -1.19 -17.53 32.19
N ILE D 225 -2.00 -17.03 33.13
CA ILE D 225 -1.89 -17.53 34.50
C ILE D 225 -2.37 -18.97 34.59
N ILE D 226 -3.37 -19.35 33.79
CA ILE D 226 -3.82 -20.74 33.77
C ILE D 226 -2.70 -21.65 33.25
N GLU D 227 -2.03 -21.22 32.18
CA GLU D 227 -0.92 -22.01 31.65
C GLU D 227 0.20 -22.15 32.67
N LEU D 228 0.53 -21.06 33.36
CA LEU D 228 1.58 -21.13 34.38
C LEU D 228 1.19 -22.05 35.52
N PHE D 229 -0.06 -21.96 35.97
CA PHE D 229 -0.53 -22.84 37.03
C PHE D 229 -0.45 -24.30 36.61
N TYR D 230 -0.87 -24.60 35.37
CA TYR D 230 -0.82 -25.98 34.91
C TYR D 230 0.60 -26.50 34.86
N VAL D 231 1.53 -25.71 34.30
CA VAL D 231 2.89 -26.22 34.14
C VAL D 231 3.55 -26.38 35.51
N PHE D 232 3.29 -25.45 36.44
CA PHE D 232 3.85 -25.59 37.78
C PHE D 232 3.26 -26.80 38.50
N PHE D 233 1.95 -27.01 38.37
CA PHE D 233 1.31 -28.15 39.02
C PHE D 233 1.86 -29.46 38.48
N LYS D 234 2.09 -29.54 37.17
CA LYS D 234 2.66 -30.75 36.60
C LYS D 234 4.12 -30.92 37.01
N GLY D 235 4.86 -29.81 37.15
CA GLY D 235 6.24 -29.92 37.57
C GLY D 235 6.42 -30.29 39.02
N VAL D 236 5.42 -29.99 39.85
CA VAL D 236 5.47 -30.39 41.25
C VAL D 236 5.45 -31.92 41.37
N LYS D 237 4.60 -32.58 40.57
CA LYS D 237 4.50 -34.03 40.60
C LYS D 237 5.73 -34.71 40.01
N ASP D 238 6.62 -33.97 39.36
CA ASP D 238 7.85 -34.52 38.77
C ASP D 238 7.53 -35.64 37.77
N GLY E 2 5.13 -28.70 -5.95
CA GLY E 2 4.27 -29.82 -5.62
C GLY E 2 4.17 -30.08 -4.14
N ASP E 3 3.64 -29.11 -3.40
CA ASP E 3 3.49 -29.20 -1.95
C ASP E 3 2.08 -28.75 -1.54
N TRP E 4 1.07 -29.21 -2.27
CA TRP E 4 -0.31 -28.87 -1.99
C TRP E 4 -1.15 -30.05 -1.53
N SER E 5 -0.54 -31.23 -1.39
CA SER E 5 -1.30 -32.43 -1.03
C SER E 5 -1.85 -32.33 0.40
N ALA E 6 -1.02 -31.89 1.34
CA ALA E 6 -1.47 -31.78 2.73
C ALA E 6 -2.56 -30.72 2.89
N LEU E 7 -2.44 -29.59 2.19
CA LEU E 7 -3.48 -28.58 2.24
C LEU E 7 -4.80 -29.11 1.70
N GLY E 8 -4.74 -29.84 0.58
CA GLY E 8 -5.94 -30.44 0.04
C GLY E 8 -6.54 -31.47 0.97
N LYS E 9 -5.69 -32.26 1.63
CA LYS E 9 -6.17 -33.25 2.58
C LYS E 9 -6.91 -32.58 3.74
N LEU E 10 -6.32 -31.52 4.29
CA LEU E 10 -6.98 -30.80 5.38
C LEU E 10 -8.29 -30.18 4.90
N LEU E 11 -8.29 -29.61 3.69
CA LEU E 11 -9.49 -28.98 3.17
C LEU E 11 -10.61 -29.99 2.98
N ASP E 12 -10.30 -31.17 2.45
CA ASP E 12 -11.35 -32.16 2.26
C ASP E 12 -11.78 -32.83 3.57
N LYS E 13 -10.89 -32.90 4.56
CA LYS E 13 -11.27 -33.48 5.83
C LYS E 13 -12.12 -32.54 6.67
N VAL E 14 -11.89 -31.22 6.54
CA VAL E 14 -12.67 -30.27 7.31
C VAL E 14 -14.09 -30.13 6.75
N GLN E 15 -14.34 -30.60 5.53
CA GLN E 15 -15.64 -30.47 4.89
C GLN E 15 -16.39 -31.80 4.88
N ALA E 16 -16.29 -32.58 5.96
CA ALA E 16 -16.86 -33.92 5.97
C ALA E 16 -18.39 -33.88 5.96
N TYR E 17 -18.98 -33.26 6.98
CA TYR E 17 -20.42 -33.34 7.20
C TYR E 17 -21.19 -32.22 6.51
N SER E 18 -20.52 -31.29 5.85
CA SER E 18 -21.21 -30.19 5.19
C SER E 18 -21.87 -30.66 3.90
N THR E 19 -22.90 -29.91 3.49
CA THR E 19 -23.62 -30.23 2.27
C THR E 19 -22.75 -29.97 1.05
N ALA E 20 -23.07 -30.66 -0.05
CA ALA E 20 -22.33 -30.49 -1.29
C ALA E 20 -22.47 -29.07 -1.82
N GLY E 21 -23.68 -28.51 -1.78
CA GLY E 21 -23.92 -27.19 -2.32
C GLY E 21 -23.62 -26.04 -1.39
N GLY E 22 -23.76 -26.27 -0.09
CA GLY E 22 -23.63 -25.17 0.86
C GLY E 22 -22.24 -24.57 0.92
N LYS E 23 -21.22 -25.38 0.65
CA LYS E 23 -19.84 -24.90 0.77
C LYS E 23 -19.58 -23.72 -0.16
N VAL E 24 -19.88 -23.90 -1.45
CA VAL E 24 -19.59 -22.85 -2.43
C VAL E 24 -20.42 -21.61 -2.14
N TRP E 25 -21.69 -21.78 -1.81
CA TRP E 25 -22.55 -20.64 -1.53
C TRP E 25 -22.03 -19.83 -0.35
N LEU E 26 -21.68 -20.52 0.74
CA LEU E 26 -21.19 -19.81 1.92
C LEU E 26 -19.86 -19.13 1.64
N SER E 27 -18.95 -19.81 0.93
CA SER E 27 -17.65 -19.22 0.64
C SER E 27 -17.79 -17.97 -0.23
N VAL E 28 -18.60 -18.06 -1.28
CA VAL E 28 -18.75 -16.90 -2.16
C VAL E 28 -19.49 -15.78 -1.45
N LEU E 29 -20.42 -16.11 -0.54
CA LEU E 29 -21.07 -15.06 0.23
C LEU E 29 -20.07 -14.34 1.12
N PHE E 30 -19.18 -15.08 1.77
CA PHE E 30 -18.15 -14.44 2.60
C PHE E 30 -17.24 -13.57 1.75
N ILE E 31 -16.84 -14.06 0.59
CA ILE E 31 -15.95 -13.28 -0.28
C ILE E 31 -16.66 -12.01 -0.76
N PHE E 32 -17.92 -12.13 -1.15
CA PHE E 32 -18.69 -10.96 -1.56
C PHE E 32 -18.80 -9.95 -0.43
N ARG E 33 -19.06 -10.42 0.79
CA ARG E 33 -19.19 -9.51 1.93
C ARG E 33 -17.89 -8.76 2.17
N ILE E 34 -16.76 -9.47 2.19
CA ILE E 34 -15.50 -8.81 2.50
C ILE E 34 -15.11 -7.86 1.38
N LEU E 35 -15.34 -8.25 0.12
CA LEU E 35 -15.02 -7.37 -1.00
C LEU E 35 -15.86 -6.10 -0.96
N LEU E 36 -17.16 -6.24 -0.71
CA LEU E 36 -18.01 -5.06 -0.63
C LEU E 36 -17.61 -4.16 0.53
N LEU E 37 -17.26 -4.75 1.67
CA LEU E 37 -16.87 -3.95 2.82
C LEU E 37 -15.56 -3.21 2.57
N GLY E 38 -14.62 -3.83 1.87
CA GLY E 38 -13.32 -3.20 1.70
C GLY E 38 -13.18 -2.29 0.49
N THR E 39 -13.99 -2.51 -0.54
CA THR E 39 -13.75 -1.84 -1.82
C THR E 39 -14.32 -0.43 -1.86
N ALA E 40 -15.64 -0.30 -1.72
CA ALA E 40 -16.30 0.97 -2.01
C ALA E 40 -17.06 1.57 -0.83
N VAL E 41 -17.69 0.75 0.01
CA VAL E 41 -18.49 1.28 1.10
C VAL E 41 -17.64 2.05 2.11
N GLU E 42 -16.35 1.75 2.20
CA GLU E 42 -15.49 2.46 3.13
C GLU E 42 -15.34 3.93 2.75
N SER E 43 -15.23 4.21 1.45
CA SER E 43 -15.08 5.59 1.02
C SER E 43 -16.34 6.40 1.26
N ALA E 44 -17.50 5.75 1.32
CA ALA E 44 -18.74 6.47 1.57
C ALA E 44 -18.75 7.11 2.94
N TRP E 45 -18.04 6.51 3.90
CA TRP E 45 -17.89 7.08 5.24
C TRP E 45 -16.56 7.81 5.41
N GLY E 46 -16.00 8.31 4.30
CA GLY E 46 -14.77 9.08 4.41
C GLY E 46 -14.95 10.38 5.16
N ASP E 47 -16.06 11.07 4.92
CA ASP E 47 -16.38 12.33 5.59
C ASP E 47 -17.60 12.08 6.48
N GLU E 48 -17.33 11.62 7.70
CA GLU E 48 -18.40 11.40 8.67
C GLU E 48 -18.67 12.62 9.54
N GLN E 49 -17.62 13.39 9.87
CA GLN E 49 -17.75 14.52 10.76
C GLN E 49 -17.36 15.86 10.13
N SER E 50 -16.61 15.85 9.04
CA SER E 50 -16.20 17.10 8.41
C SER E 50 -17.38 17.81 7.78
N ALA E 51 -18.27 17.08 7.11
CA ALA E 51 -19.42 17.66 6.45
C ALA E 51 -20.64 17.79 7.35
N PHE E 52 -20.58 17.27 8.57
CA PHE E 52 -21.70 17.35 9.50
C PHE E 52 -21.75 18.74 10.11
N ARG E 53 -22.86 19.45 9.86
CA ARG E 53 -23.02 20.82 10.34
C ARG E 53 -24.33 20.95 11.09
N CYS E 54 -24.33 21.80 12.11
CA CYS E 54 -25.52 22.15 12.87
C CYS E 54 -25.77 23.65 12.77
N ASN E 55 -27.04 24.03 12.88
CA ASN E 55 -27.44 25.44 12.72
C ASN E 55 -27.42 26.12 14.09
N THR E 56 -26.25 26.59 14.47
CA THR E 56 -26.08 27.29 15.74
C THR E 56 -24.80 28.12 15.67
N GLN E 57 -24.62 28.97 16.67
CA GLN E 57 -23.42 29.77 16.81
C GLN E 57 -22.58 29.42 18.02
N GLN E 58 -23.10 28.62 18.94
CA GLN E 58 -22.35 28.23 20.13
C GLN E 58 -21.22 27.29 19.75
N PRO E 59 -19.98 27.59 20.10
CA PRO E 59 -18.87 26.67 19.80
C PRO E 59 -18.93 25.43 20.67
N GLY E 60 -18.61 24.29 20.06
CA GLY E 60 -18.54 23.03 20.77
C GLY E 60 -19.83 22.25 20.84
N CYS E 61 -20.96 22.84 20.42
CA CYS E 61 -22.22 22.11 20.46
C CYS E 61 -22.27 21.02 19.39
N GLU E 62 -21.66 21.28 18.23
CA GLU E 62 -21.71 20.30 17.14
C GLU E 62 -21.02 19.00 17.53
N ASN E 63 -19.94 19.07 18.31
CA ASN E 63 -19.24 17.86 18.71
C ASN E 63 -20.14 16.94 19.54
N VAL E 64 -20.77 17.48 20.58
CA VAL E 64 -21.61 16.65 21.42
C VAL E 64 -22.86 16.20 20.67
N CYS E 65 -23.40 17.06 19.80
CA CYS E 65 -24.56 16.63 19.01
C CYS E 65 -24.21 15.48 18.07
N TYR E 66 -23.04 15.54 17.43
CA TYR E 66 -22.59 14.44 16.60
C TYR E 66 -22.37 13.18 17.42
N ASP E 67 -21.80 13.33 18.62
CA ASP E 67 -21.60 12.17 19.48
C ASP E 67 -22.91 11.51 19.84
N LYS E 68 -23.92 12.31 20.19
CA LYS E 68 -25.22 11.74 20.55
C LYS E 68 -25.93 11.13 19.36
N SER E 69 -25.82 11.77 18.18
CA SER E 69 -26.51 11.25 17.01
C SER E 69 -25.96 9.90 16.58
N PHE E 70 -24.63 9.75 16.59
CA PHE E 70 -23.96 8.53 16.14
C PHE E 70 -23.13 7.96 17.29
N PRO E 71 -23.70 7.10 18.11
CA PRO E 71 -22.89 6.44 19.16
C PRO E 71 -21.76 5.62 18.61
N ILE E 72 -21.93 5.01 17.43
CA ILE E 72 -20.87 4.21 16.82
C ILE E 72 -21.11 4.12 15.32
N SER E 73 -20.06 4.28 14.52
CA SER E 73 -20.19 4.20 13.08
C SER E 73 -20.56 2.79 12.65
N HIS E 74 -21.37 2.71 11.59
CA HIS E 74 -21.85 1.40 11.13
C HIS E 74 -20.72 0.57 10.53
N VAL E 75 -19.70 1.21 9.96
CA VAL E 75 -18.63 0.46 9.30
C VAL E 75 -17.87 -0.40 10.32
N ARG E 76 -17.52 0.19 11.46
CA ARG E 76 -16.80 -0.57 12.48
C ARG E 76 -17.69 -1.63 13.12
N PHE E 77 -18.99 -1.34 13.24
CA PHE E 77 -19.92 -2.35 13.72
C PHE E 77 -19.94 -3.55 12.78
N TRP E 78 -19.97 -3.30 11.47
CA TRP E 78 -19.95 -4.40 10.50
C TRP E 78 -18.63 -5.15 10.55
N VAL E 79 -17.52 -4.43 10.76
CA VAL E 79 -16.22 -5.10 10.89
C VAL E 79 -16.21 -6.03 12.09
N LEU E 80 -16.72 -5.55 13.23
CA LEU E 80 -16.81 -6.41 14.41
C LEU E 80 -17.70 -7.60 14.16
N GLN E 81 -18.84 -7.39 13.47
CA GLN E 81 -19.75 -8.49 13.18
C GLN E 81 -19.07 -9.55 12.32
N ILE E 82 -18.37 -9.13 11.27
CA ILE E 82 -17.77 -10.10 10.36
C ILE E 82 -16.62 -10.83 11.04
N ILE E 83 -15.83 -10.13 11.87
CA ILE E 83 -14.73 -10.82 12.54
C ILE E 83 -15.28 -11.80 13.57
N PHE E 84 -16.38 -11.45 14.25
CA PHE E 84 -16.95 -12.34 15.24
C PHE E 84 -17.64 -13.54 14.61
N VAL E 85 -18.15 -13.39 13.38
CA VAL E 85 -18.70 -14.55 12.69
C VAL E 85 -17.64 -15.34 11.94
N SER E 86 -16.43 -14.80 11.78
CA SER E 86 -15.36 -15.53 11.13
C SER E 86 -14.45 -16.27 12.09
N VAL E 87 -14.35 -15.82 13.35
CA VAL E 87 -13.44 -16.46 14.30
C VAL E 87 -13.75 -17.94 14.54
N PRO E 88 -15.01 -18.36 14.76
CA PRO E 88 -15.22 -19.78 15.13
C PRO E 88 -14.76 -20.76 14.08
N THR E 89 -14.91 -20.42 12.80
CA THR E 89 -14.44 -21.32 11.74
C THR E 89 -12.93 -21.46 11.80
N LEU E 90 -12.21 -20.38 12.07
CA LEU E 90 -10.77 -20.46 12.22
C LEU E 90 -10.39 -21.33 13.41
N LEU E 91 -11.12 -21.20 14.52
CA LEU E 91 -10.87 -22.05 15.68
C LEU E 91 -11.06 -23.52 15.33
N TYR E 92 -12.15 -23.83 14.63
CA TYR E 92 -12.42 -25.21 14.23
C TYR E 92 -11.32 -25.75 13.33
N LEU E 93 -10.88 -24.93 12.36
CA LEU E 93 -9.83 -25.36 11.45
C LEU E 93 -8.52 -25.62 12.20
N ALA E 94 -8.14 -24.72 13.10
CA ALA E 94 -6.91 -24.91 13.85
C ALA E 94 -6.99 -26.17 14.72
N HIS E 95 -8.13 -26.38 15.37
CA HIS E 95 -8.29 -27.55 16.23
C HIS E 95 -8.18 -28.84 15.43
N VAL E 96 -8.87 -28.90 14.29
CA VAL E 96 -8.83 -30.13 13.50
C VAL E 96 -7.45 -30.35 12.92
N PHE E 97 -6.75 -29.28 12.54
CA PHE E 97 -5.39 -29.41 12.04
C PHE E 97 -4.47 -29.99 13.11
N TYR E 98 -4.56 -29.45 14.32
CA TYR E 98 -3.69 -29.94 15.40
C TYR E 98 -4.00 -31.39 15.75
N VAL E 99 -5.29 -31.76 15.84
CA VAL E 99 -5.60 -33.14 16.18
C VAL E 99 -5.20 -34.07 15.05
N MET E 100 -5.30 -33.63 13.79
CA MET E 100 -4.85 -34.46 12.68
C MET E 100 -3.34 -34.67 12.74
N ARG E 101 -2.58 -33.62 13.07
CA ARG E 101 -1.13 -33.80 13.22
C ARG E 101 -0.82 -34.74 14.37
N LYS E 102 -1.55 -34.63 15.48
CA LYS E 102 -1.34 -35.53 16.60
C LYS E 102 -1.59 -36.99 16.21
N GLU E 103 -2.69 -37.23 15.48
CA GLU E 103 -2.99 -38.58 15.04
C GLU E 103 -1.95 -39.09 14.05
N GLU E 104 -1.45 -38.21 13.17
CA GLU E 104 -0.39 -38.60 12.25
C GLU E 104 0.87 -39.01 13.00
N LYS E 105 1.25 -38.25 14.02
CA LYS E 105 2.42 -38.61 14.81
C LYS E 105 2.19 -39.93 15.54
N LEU E 106 1.00 -40.12 16.10
CA LEU E 106 0.69 -41.35 16.82
C LEU E 106 0.77 -42.56 15.91
N ASN E 107 0.23 -42.46 14.69
CA ASN E 107 0.26 -43.59 13.78
C ASN E 107 1.65 -43.79 13.19
N LYS E 108 2.44 -42.72 13.08
CA LYS E 108 3.81 -42.86 12.61
C LYS E 108 4.67 -43.58 13.65
N LYS E 109 4.46 -43.28 14.93
CA LYS E 109 5.24 -43.95 15.97
C LYS E 109 4.87 -45.42 16.09
N GLU E 110 3.62 -45.77 15.78
CA GLU E 110 3.12 -47.14 15.90
C GLU E 110 3.02 -47.83 14.54
N GLU E 111 3.97 -47.57 13.65
CA GLU E 111 3.96 -48.16 12.32
C GLU E 111 4.17 -49.67 12.38
N ARG E 148 -20.46 -41.53 17.46
CA ARG E 148 -20.00 -40.32 16.78
C ARG E 148 -20.20 -39.10 17.67
N GLY E 149 -19.39 -38.06 17.45
CA GLY E 149 -19.48 -36.86 18.24
C GLY E 149 -18.12 -36.26 18.57
N GLY E 150 -17.05 -36.97 18.19
CA GLY E 150 -15.72 -36.44 18.45
C GLY E 150 -15.41 -35.18 17.67
N LEU E 151 -16.04 -35.02 16.51
CA LEU E 151 -15.88 -33.83 15.68
C LEU E 151 -17.20 -33.15 15.36
N LEU E 152 -18.29 -33.89 15.26
CA LEU E 152 -19.58 -33.30 14.91
C LEU E 152 -20.07 -32.35 15.99
N ARG E 153 -19.78 -32.66 17.26
CA ARG E 153 -20.23 -31.80 18.35
C ARG E 153 -19.63 -30.40 18.23
N THR E 154 -18.32 -30.33 17.97
CA THR E 154 -17.68 -29.02 17.80
C THR E 154 -18.21 -28.31 16.57
N TYR E 155 -18.50 -29.06 15.50
CA TYR E 155 -19.05 -28.47 14.29
C TYR E 155 -20.40 -27.81 14.57
N ILE E 156 -21.27 -28.53 15.28
CA ILE E 156 -22.58 -27.98 15.63
C ILE E 156 -22.44 -26.78 16.55
N ILE E 157 -21.49 -26.85 17.49
CA ILE E 157 -21.27 -25.73 18.40
C ILE E 157 -20.86 -24.49 17.60
N SER E 158 -19.95 -24.66 16.64
CA SER E 158 -19.53 -23.53 15.82
C SER E 158 -20.69 -22.96 15.01
N ILE E 159 -21.51 -23.84 14.42
CA ILE E 159 -22.63 -23.36 13.61
C ILE E 159 -23.61 -22.57 14.46
N LEU E 160 -23.96 -23.10 15.64
CA LEU E 160 -24.91 -22.40 16.49
C LEU E 160 -24.34 -21.09 17.01
N PHE E 161 -23.03 -21.06 17.30
CA PHE E 161 -22.40 -19.81 17.72
C PHE E 161 -22.47 -18.77 16.62
N LYS E 162 -22.19 -19.16 15.37
CA LYS E 162 -22.29 -18.23 14.26
C LYS E 162 -23.71 -17.68 14.14
N SER E 163 -24.70 -18.58 14.21
CA SER E 163 -26.09 -18.16 14.06
C SER E 163 -26.50 -17.20 15.17
N ILE E 164 -26.15 -17.52 16.42
CA ILE E 164 -26.58 -16.69 17.53
C ILE E 164 -25.87 -15.34 17.49
N PHE E 165 -24.59 -15.32 17.10
CA PHE E 165 -23.89 -14.04 17.02
C PHE E 165 -24.48 -13.16 15.93
N GLU E 166 -24.75 -13.72 14.75
CA GLU E 166 -25.30 -12.89 13.69
C GLU E 166 -26.69 -12.39 14.02
N VAL E 167 -27.53 -13.23 14.63
CA VAL E 167 -28.88 -12.76 14.98
C VAL E 167 -28.81 -11.71 16.09
N ALA E 168 -27.88 -11.87 17.04
CA ALA E 168 -27.73 -10.86 18.08
C ALA E 168 -27.28 -9.53 17.51
N PHE E 169 -26.32 -9.55 16.58
CA PHE E 169 -25.87 -8.31 15.97
C PHE E 169 -26.99 -7.65 15.18
N LEU E 170 -27.78 -8.44 14.46
CA LEU E 170 -28.92 -7.87 13.72
C LEU E 170 -29.93 -7.25 14.68
N LEU E 171 -30.23 -7.93 15.79
CA LEU E 171 -31.17 -7.38 16.76
C LEU E 171 -30.65 -6.08 17.36
N ILE E 172 -29.35 -6.03 17.68
CA ILE E 172 -28.78 -4.82 18.25
C ILE E 172 -28.87 -3.67 17.24
N GLN E 173 -28.55 -3.94 15.98
CA GLN E 173 -28.63 -2.91 14.96
C GLN E 173 -30.06 -2.41 14.79
N TRP E 174 -31.03 -3.32 14.83
CA TRP E 174 -32.43 -2.90 14.77
C TRP E 174 -32.80 -2.04 15.97
N TYR E 175 -32.30 -2.40 17.15
CA TYR E 175 -32.68 -1.69 18.37
C TYR E 175 -32.06 -0.30 18.44
N ILE E 176 -30.83 -0.13 17.96
CA ILE E 176 -30.11 1.13 18.14
C ILE E 176 -30.41 2.10 17.01
N TYR E 177 -30.03 1.73 15.78
CA TYR E 177 -30.13 2.65 14.66
C TYR E 177 -31.38 2.49 13.82
N GLY E 178 -32.05 1.35 13.90
CA GLY E 178 -33.12 1.13 12.96
C GLY E 178 -32.54 0.90 11.57
N PHE E 179 -33.38 1.07 10.56
CA PHE E 179 -32.99 0.85 9.18
C PHE E 179 -33.44 2.00 8.29
N SER E 180 -33.34 3.23 8.80
CA SER E 180 -33.67 4.41 8.01
C SER E 180 -32.96 5.61 8.62
N LEU E 181 -32.51 6.51 7.75
CA LEU E 181 -31.81 7.72 8.17
C LEU E 181 -32.49 8.94 7.57
N SER E 182 -32.73 9.95 8.39
CA SER E 182 -33.33 11.20 7.96
C SER E 182 -32.28 12.29 7.91
N ALA E 183 -32.38 13.15 6.90
CA ALA E 183 -31.37 14.20 6.69
C ALA E 183 -31.39 15.27 7.76
N VAL E 184 -32.43 15.34 8.58
CA VAL E 184 -32.56 16.36 9.62
C VAL E 184 -32.64 15.66 10.97
N TYR E 185 -31.84 16.13 11.93
CA TYR E 185 -31.82 15.56 13.27
C TYR E 185 -31.95 16.69 14.29
N THR E 186 -32.61 16.38 15.39
CA THR E 186 -32.84 17.31 16.48
C THR E 186 -31.96 16.94 17.67
N CYS E 187 -31.21 17.90 18.19
CA CYS E 187 -30.26 17.68 19.26
C CYS E 187 -30.69 18.50 20.47
N LYS E 188 -30.74 17.85 21.63
CA LYS E 188 -31.19 18.47 22.88
C LYS E 188 -30.25 18.11 24.02
N ARG E 189 -28.95 18.27 23.78
CA ARG E 189 -27.93 17.93 24.76
C ARG E 189 -27.14 19.17 25.15
N ASP E 190 -26.69 19.19 26.40
CA ASP E 190 -25.90 20.30 26.89
C ASP E 190 -24.55 20.37 26.17
N PRO E 191 -23.95 21.55 26.04
CA PRO E 191 -24.44 22.86 26.49
C PRO E 191 -25.28 23.58 25.45
N CYS E 192 -25.77 22.87 24.44
CA CYS E 192 -26.60 23.51 23.42
C CYS E 192 -27.90 24.01 24.03
N PRO E 193 -28.31 25.24 23.72
CA PRO E 193 -29.59 25.74 24.25
C PRO E 193 -30.76 24.97 23.67
N HIS E 194 -31.80 24.82 24.51
CA HIS E 194 -33.01 24.08 24.22
C HIS E 194 -32.83 22.98 23.17
N GLN E 195 -33.13 23.31 21.91
CA GLN E 195 -33.05 22.37 20.81
C GLN E 195 -32.31 23.00 19.64
N VAL E 196 -31.53 22.20 18.93
CA VAL E 196 -30.84 22.65 17.73
C VAL E 196 -31.05 21.62 16.63
N ASP E 197 -30.82 22.05 15.39
CA ASP E 197 -31.01 21.22 14.23
C ASP E 197 -29.67 20.94 13.56
N CYS E 198 -29.51 19.70 13.07
CA CYS E 198 -28.29 19.29 12.40
C CYS E 198 -28.65 18.52 11.13
N PHE E 199 -27.73 18.52 10.17
CA PHE E 199 -27.93 17.86 8.90
C PHE E 199 -26.82 16.84 8.66
N LEU E 200 -27.18 15.67 8.17
CA LEU E 200 -26.23 14.63 7.86
C LEU E 200 -25.75 14.79 6.42
N SER E 201 -25.04 13.78 5.91
CA SER E 201 -24.55 13.78 4.54
C SER E 201 -24.93 12.49 3.84
N ARG E 202 -25.30 12.60 2.57
CA ARG E 202 -25.70 11.52 1.66
C ARG E 202 -26.46 10.40 2.37
N PRO E 203 -27.60 10.71 3.01
CA PRO E 203 -28.32 9.65 3.73
C PRO E 203 -28.83 8.53 2.84
N THR E 204 -29.19 8.83 1.59
CA THR E 204 -29.75 7.81 0.71
C THR E 204 -28.74 6.69 0.45
N GLU E 205 -27.49 7.07 0.17
CA GLU E 205 -26.46 6.08 -0.11
C GLU E 205 -26.22 5.17 1.10
N LYS E 206 -26.16 5.77 2.28
CA LYS E 206 -25.95 4.99 3.50
C LYS E 206 -27.14 4.07 3.76
N THR E 207 -28.35 4.55 3.50
CA THR E 207 -29.53 3.69 3.66
C THR E 207 -29.48 2.50 2.71
N ILE E 208 -29.09 2.75 1.45
CA ILE E 208 -29.00 1.66 0.48
C ILE E 208 -27.97 0.63 0.93
N PHE E 209 -26.81 1.09 1.39
CA PHE E 209 -25.80 0.14 1.84
C PHE E 209 -26.23 -0.60 3.10
N ILE E 210 -26.97 0.05 3.99
CA ILE E 210 -27.49 -0.63 5.17
C ILE E 210 -28.45 -1.74 4.76
N ILE E 211 -29.32 -1.45 3.79
CA ILE E 211 -30.25 -2.48 3.31
C ILE E 211 -29.48 -3.64 2.68
N PHE E 212 -28.42 -3.33 1.93
CA PHE E 212 -27.62 -4.37 1.32
C PHE E 212 -26.98 -5.28 2.38
N MET E 213 -26.40 -4.67 3.40
CA MET E 213 -25.80 -5.47 4.47
C MET E 213 -26.86 -6.30 5.18
N LEU E 214 -28.05 -5.73 5.38
CA LEU E 214 -29.14 -6.46 6.04
C LEU E 214 -29.52 -7.70 5.24
N VAL E 215 -29.69 -7.55 3.93
CA VAL E 215 -30.12 -8.70 3.13
C VAL E 215 -29.00 -9.74 3.05
N VAL E 216 -27.74 -9.30 3.00
CA VAL E 216 -26.64 -10.26 3.01
C VAL E 216 -26.63 -11.05 4.31
N SER E 217 -26.82 -10.37 5.44
CA SER E 217 -26.84 -11.06 6.72
C SER E 217 -28.01 -12.03 6.80
N LEU E 218 -29.18 -11.63 6.27
CA LEU E 218 -30.32 -12.53 6.25
C LEU E 218 -30.03 -13.79 5.44
N VAL E 219 -29.38 -13.62 4.28
CA VAL E 219 -29.03 -14.78 3.46
C VAL E 219 -28.07 -15.68 4.22
N SER E 220 -27.08 -15.09 4.90
CA SER E 220 -26.14 -15.89 5.66
C SER E 220 -26.83 -16.68 6.77
N LEU E 221 -27.75 -16.03 7.49
CA LEU E 221 -28.48 -16.70 8.55
C LEU E 221 -29.33 -17.84 7.99
N ALA E 222 -29.99 -17.61 6.85
CA ALA E 222 -30.79 -18.66 6.24
C ALA E 222 -29.93 -19.85 5.83
N LEU E 223 -28.77 -19.59 5.25
CA LEU E 223 -27.89 -20.69 4.87
C LEU E 223 -27.42 -21.48 6.08
N ASN E 224 -27.04 -20.77 7.15
CA ASN E 224 -26.58 -21.46 8.36
C ASN E 224 -27.68 -22.31 8.96
N ILE E 225 -28.91 -21.77 9.04
CA ILE E 225 -29.99 -22.54 9.64
C ILE E 225 -30.37 -23.72 8.75
N ILE E 226 -30.28 -23.57 7.42
CA ILE E 226 -30.54 -24.71 6.54
C ILE E 226 -29.51 -25.80 6.76
N GLU E 227 -28.24 -25.42 6.87
CA GLU E 227 -27.20 -26.42 7.14
C GLU E 227 -27.42 -27.13 8.45
N LEU E 228 -27.78 -26.37 9.50
CA LEU E 228 -28.03 -26.99 10.80
C LEU E 228 -29.23 -27.94 10.74
N PHE E 229 -30.30 -27.52 10.05
CA PHE E 229 -31.46 -28.39 9.92
C PHE E 229 -31.10 -29.68 9.18
N TYR E 230 -30.32 -29.56 8.11
CA TYR E 230 -29.94 -30.75 7.35
C TYR E 230 -29.11 -31.70 8.21
N VAL E 231 -28.11 -31.18 8.92
CA VAL E 231 -27.24 -32.06 9.69
C VAL E 231 -28.00 -32.71 10.83
N PHE E 232 -28.90 -31.96 11.49
CA PHE E 232 -29.69 -32.55 12.55
C PHE E 232 -30.65 -33.60 12.01
N PHE E 233 -31.28 -33.33 10.86
CA PHE E 233 -32.20 -34.29 10.27
C PHE E 233 -31.48 -35.57 9.88
N LYS E 234 -30.27 -35.45 9.34
CA LYS E 234 -29.51 -36.66 9.01
C LYS E 234 -29.03 -37.38 10.27
N GLY E 235 -28.71 -36.64 11.33
CA GLY E 235 -28.28 -37.28 12.56
C GLY E 235 -29.41 -37.98 13.30
N VAL E 236 -30.65 -37.53 13.09
CA VAL E 236 -31.79 -38.20 13.70
C VAL E 236 -31.92 -39.62 13.15
N LYS E 237 -31.76 -39.78 11.84
CA LYS E 237 -31.87 -41.09 11.21
C LYS E 237 -30.71 -42.02 11.57
N ASP E 238 -29.65 -41.50 12.19
CA ASP E 238 -28.50 -42.30 12.60
C ASP E 238 -27.87 -43.03 11.41
N GLY F 2 7.14 -26.94 -10.41
CA GLY F 2 6.36 -27.75 -11.33
C GLY F 2 5.06 -28.26 -10.73
N ASP F 3 4.18 -27.32 -10.37
CA ASP F 3 2.89 -27.64 -9.77
C ASP F 3 1.78 -26.85 -10.44
N TRP F 4 1.81 -26.79 -11.78
CA TRP F 4 0.82 -26.06 -12.54
C TRP F 4 -0.06 -26.98 -13.40
N SER F 5 0.13 -28.28 -13.32
CA SER F 5 -0.62 -29.20 -14.18
C SER F 5 -2.09 -29.22 -13.81
N ALA F 6 -2.41 -29.27 -12.51
CA ALA F 6 -3.80 -29.30 -12.09
C ALA F 6 -4.53 -28.00 -12.43
N LEU F 7 -3.85 -26.85 -12.26
CA LEU F 7 -4.46 -25.58 -12.62
C LEU F 7 -4.75 -25.52 -14.11
N GLY F 8 -3.81 -25.99 -14.94
CA GLY F 8 -4.05 -26.03 -16.37
C GLY F 8 -5.18 -26.96 -16.74
N LYS F 9 -5.26 -28.11 -16.07
CA LYS F 9 -6.35 -29.05 -16.31
C LYS F 9 -7.71 -28.42 -16.01
N LEU F 10 -7.82 -27.76 -14.85
CA LEU F 10 -9.07 -27.09 -14.52
C LEU F 10 -9.39 -25.98 -15.52
N LEU F 11 -8.37 -25.22 -15.92
CA LEU F 11 -8.59 -24.13 -16.86
C LEU F 11 -9.09 -24.64 -18.21
N ASP F 12 -8.50 -25.73 -18.71
CA ASP F 12 -8.96 -26.25 -19.99
C ASP F 12 -10.29 -26.98 -19.89
N LYS F 13 -10.61 -27.54 -18.73
CA LYS F 13 -11.90 -28.21 -18.58
C LYS F 13 -13.04 -27.22 -18.41
N VAL F 14 -12.78 -26.06 -17.79
CA VAL F 14 -13.83 -25.08 -17.62
C VAL F 14 -14.16 -24.36 -18.93
N GLN F 15 -13.30 -24.46 -19.94
CA GLN F 15 -13.49 -23.79 -21.22
C GLN F 15 -13.92 -24.75 -22.31
N ALA F 16 -14.78 -25.71 -21.98
CA ALA F 16 -15.13 -26.75 -22.92
C ALA F 16 -15.99 -26.22 -24.06
N TYR F 17 -17.15 -25.65 -23.75
CA TYR F 17 -18.14 -25.28 -24.75
C TYR F 17 -17.97 -23.85 -25.28
N SER F 18 -17.02 -23.09 -24.74
CA SER F 18 -16.84 -21.72 -25.16
C SER F 18 -16.15 -21.66 -26.53
N THR F 19 -16.36 -20.55 -27.24
CA THR F 19 -15.76 -20.36 -28.54
C THR F 19 -14.25 -20.16 -28.41
N ALA F 20 -13.54 -20.47 -29.50
CA ALA F 20 -12.09 -20.31 -29.50
C ALA F 20 -11.69 -18.85 -29.35
N GLY F 21 -12.40 -17.94 -30.02
CA GLY F 21 -12.05 -16.53 -29.98
C GLY F 21 -12.63 -15.77 -28.82
N GLY F 22 -13.79 -16.19 -28.34
CA GLY F 22 -14.49 -15.42 -27.31
C GLY F 22 -13.74 -15.34 -26.00
N LYS F 23 -12.96 -16.38 -25.67
CA LYS F 23 -12.29 -16.41 -24.38
C LYS F 23 -11.34 -15.23 -24.21
N VAL F 24 -10.45 -15.04 -25.17
CA VAL F 24 -9.45 -13.98 -25.04
C VAL F 24 -10.12 -12.61 -25.05
N TRP F 25 -11.12 -12.41 -25.91
CA TRP F 25 -11.79 -11.12 -25.97
C TRP F 25 -12.46 -10.79 -24.64
N LEU F 26 -13.19 -11.76 -24.07
CA LEU F 26 -13.88 -11.50 -22.81
C LEU F 26 -12.88 -11.27 -21.68
N SER F 27 -11.81 -12.06 -21.63
CA SER F 27 -10.82 -11.89 -20.56
C SER F 27 -10.16 -10.52 -20.63
N VAL F 28 -9.73 -10.12 -21.83
CA VAL F 28 -9.07 -8.83 -21.95
C VAL F 28 -10.05 -7.69 -21.71
N LEU F 29 -11.32 -7.86 -22.06
CA LEU F 29 -12.31 -6.84 -21.75
C LEU F 29 -12.48 -6.69 -20.24
N PHE F 30 -12.53 -7.80 -19.52
CA PHE F 30 -12.62 -7.72 -18.06
C PHE F 30 -11.40 -7.05 -17.47
N ILE F 31 -10.21 -7.41 -17.95
CA ILE F 31 -8.99 -6.82 -17.44
C ILE F 31 -8.95 -5.32 -17.72
N PHE F 32 -9.34 -4.92 -18.94
CA PHE F 32 -9.40 -3.50 -19.27
C PHE F 32 -10.37 -2.76 -18.37
N ARG F 33 -11.55 -3.35 -18.13
CA ARG F 33 -12.54 -2.70 -17.27
C ARG F 33 -11.99 -2.50 -15.87
N ILE F 34 -11.41 -3.54 -15.27
CA ILE F 34 -10.94 -3.41 -13.90
C ILE F 34 -9.77 -2.44 -13.81
N LEU F 35 -8.86 -2.48 -14.80
CA LEU F 35 -7.74 -1.55 -14.80
C LEU F 35 -8.21 -0.10 -14.92
N LEU F 36 -9.15 0.16 -15.83
CA LEU F 36 -9.66 1.51 -15.98
C LEU F 36 -10.38 1.97 -14.71
N LEU F 37 -11.14 1.08 -14.09
CA LEU F 37 -11.86 1.46 -12.88
C LEU F 37 -10.90 1.75 -11.72
N GLY F 38 -9.81 1.01 -11.61
CA GLY F 38 -8.93 1.18 -10.48
C GLY F 38 -7.83 2.21 -10.64
N THR F 39 -7.43 2.49 -11.89
CA THR F 39 -6.23 3.28 -12.11
C THR F 39 -6.48 4.78 -12.00
N ALA F 40 -7.32 5.32 -12.89
CA ALA F 40 -7.43 6.76 -13.04
C ALA F 40 -8.81 7.33 -12.77
N VAL F 41 -9.88 6.62 -13.12
CA VAL F 41 -11.22 7.17 -12.96
C VAL F 41 -11.57 7.38 -11.49
N GLU F 42 -10.92 6.66 -10.58
CA GLU F 42 -11.20 6.83 -9.16
C GLU F 42 -10.78 8.21 -8.69
N SER F 43 -9.62 8.69 -9.16
CA SER F 43 -9.15 10.01 -8.73
C SER F 43 -10.03 11.13 -9.25
N ALA F 44 -10.75 10.90 -10.36
CA ALA F 44 -11.63 11.94 -10.89
C ALA F 44 -12.76 12.25 -9.92
N TRP F 45 -13.18 11.26 -9.12
CA TRP F 45 -14.19 11.47 -8.08
C TRP F 45 -13.57 11.66 -6.71
N GLY F 46 -12.33 12.15 -6.66
CA GLY F 46 -11.71 12.43 -5.37
C GLY F 46 -12.41 13.53 -4.61
N ASP F 47 -12.82 14.59 -5.31
CA ASP F 47 -13.52 15.72 -4.71
C ASP F 47 -14.95 15.73 -5.26
N GLU F 48 -15.82 14.97 -4.61
CA GLU F 48 -17.22 14.93 -5.00
C GLU F 48 -18.07 15.97 -4.26
N GLN F 49 -17.74 16.25 -3.01
CA GLN F 49 -18.52 17.16 -2.19
C GLN F 49 -17.76 18.39 -1.72
N SER F 50 -16.42 18.35 -1.71
CA SER F 50 -15.65 19.49 -1.24
C SER F 50 -15.77 20.67 -2.19
N ALA F 51 -15.74 20.42 -3.49
CA ALA F 51 -15.81 21.48 -4.48
C ALA F 51 -17.23 21.83 -4.89
N PHE F 52 -18.22 21.08 -4.41
CA PHE F 52 -19.62 21.34 -4.75
C PHE F 52 -20.12 22.52 -3.93
N ARG F 53 -20.51 23.60 -4.62
CA ARG F 53 -20.98 24.81 -3.96
C ARG F 53 -22.33 25.22 -4.51
N CYS F 54 -23.16 25.80 -3.65
CA CYS F 54 -24.44 26.37 -4.03
C CYS F 54 -24.46 27.85 -3.68
N ASN F 55 -25.26 28.61 -4.43
CA ASN F 55 -25.31 30.07 -4.27
C ASN F 55 -26.42 30.41 -3.29
N THR F 56 -26.07 30.37 -2.00
CA THR F 56 -27.00 30.71 -0.94
C THR F 56 -26.23 31.06 0.32
N GLN F 57 -26.94 31.58 1.31
CA GLN F 57 -26.36 31.89 2.60
C GLN F 57 -26.91 31.04 3.73
N GLN F 58 -27.98 30.29 3.50
CA GLN F 58 -28.55 29.45 4.54
C GLN F 58 -27.63 28.28 4.83
N PRO F 59 -27.23 28.07 6.09
CA PRO F 59 -26.37 26.91 6.40
C PRO F 59 -27.15 25.61 6.33
N GLY F 60 -26.50 24.58 5.80
CA GLY F 60 -27.07 23.25 5.74
C GLY F 60 -27.87 22.95 4.49
N CYS F 61 -28.14 23.96 3.65
CA CYS F 61 -28.90 23.70 2.42
C CYS F 61 -28.06 22.93 1.40
N GLU F 62 -26.75 23.19 1.36
CA GLU F 62 -25.90 22.53 0.37
C GLU F 62 -25.86 21.02 0.59
N ASN F 63 -25.91 20.57 1.85
CA ASN F 63 -25.88 19.13 2.12
C ASN F 63 -27.08 18.43 1.51
N VAL F 64 -28.28 18.93 1.78
CA VAL F 64 -29.48 18.27 1.26
C VAL F 64 -29.56 18.43 -0.26
N CYS F 65 -29.12 19.58 -0.79
CA CYS F 65 -29.12 19.73 -2.24
C CYS F 65 -28.18 18.74 -2.91
N TYR F 66 -26.99 18.54 -2.33
CA TYR F 66 -26.07 17.54 -2.86
C TYR F 66 -26.65 16.14 -2.75
N ASP F 67 -27.33 15.84 -1.65
CA ASP F 67 -27.95 14.54 -1.48
C ASP F 67 -29.00 14.29 -2.56
N LYS F 68 -29.83 15.31 -2.83
CA LYS F 68 -30.87 15.14 -3.84
C LYS F 68 -30.29 15.06 -5.24
N SER F 69 -29.24 15.84 -5.53
CA SER F 69 -28.66 15.84 -6.87
C SER F 69 -28.03 14.49 -7.20
N PHE F 70 -27.30 13.91 -6.24
CA PHE F 70 -26.59 12.64 -6.44
C PHE F 70 -27.09 11.62 -5.44
N PRO F 71 -28.12 10.85 -5.78
CA PRO F 71 -28.54 9.76 -4.88
C PRO F 71 -27.46 8.74 -4.63
N ILE F 72 -26.60 8.47 -5.60
CA ILE F 72 -25.52 7.50 -5.44
C ILE F 72 -24.42 7.80 -6.44
N SER F 73 -23.16 7.75 -5.99
CA SER F 73 -22.03 8.02 -6.87
C SER F 73 -21.92 6.93 -7.93
N HIS F 74 -21.50 7.33 -9.13
CA HIS F 74 -21.41 6.38 -10.23
C HIS F 74 -20.30 5.35 -10.02
N VAL F 75 -19.24 5.72 -9.29
CA VAL F 75 -18.12 4.80 -9.10
C VAL F 75 -18.56 3.56 -8.34
N ARG F 76 -19.29 3.75 -7.25
CA ARG F 76 -19.75 2.61 -6.47
C ARG F 76 -20.81 1.81 -7.22
N PHE F 77 -21.62 2.48 -8.03
CA PHE F 77 -22.57 1.77 -8.89
C PHE F 77 -21.83 0.85 -9.86
N TRP F 78 -20.75 1.36 -10.47
CA TRP F 78 -19.96 0.54 -11.38
C TRP F 78 -19.29 -0.61 -10.65
N VAL F 79 -18.82 -0.36 -9.41
CA VAL F 79 -18.21 -1.43 -8.63
C VAL F 79 -19.23 -2.54 -8.36
N LEU F 80 -20.44 -2.15 -7.96
CA LEU F 80 -21.49 -3.15 -7.75
C LEU F 80 -21.81 -3.90 -9.03
N GLN F 81 -21.87 -3.18 -10.16
CA GLN F 81 -22.15 -3.83 -11.43
C GLN F 81 -21.09 -4.86 -11.78
N ILE F 82 -19.82 -4.50 -11.63
CA ILE F 82 -18.75 -5.41 -12.02
C ILE F 82 -18.69 -6.60 -11.08
N ILE F 83 -18.92 -6.39 -9.78
CA ILE F 83 -18.88 -7.53 -8.87
C ILE F 83 -20.06 -8.46 -9.13
N PHE F 84 -21.23 -7.90 -9.48
CA PHE F 84 -22.39 -8.73 -9.73
C PHE F 84 -22.28 -9.48 -11.06
N VAL F 85 -21.55 -8.92 -12.03
CA VAL F 85 -21.31 -9.67 -13.26
C VAL F 85 -20.11 -10.60 -13.16
N SER F 86 -19.29 -10.48 -12.11
CA SER F 86 -18.17 -11.38 -11.92
C SER F 86 -18.48 -12.56 -11.01
N VAL F 87 -19.46 -12.43 -10.11
CA VAL F 87 -19.74 -13.51 -9.17
C VAL F 87 -20.15 -14.81 -9.85
N PRO F 88 -21.05 -14.83 -10.85
CA PRO F 88 -21.51 -16.13 -11.38
C PRO F 88 -20.40 -16.98 -11.96
N THR F 89 -19.41 -16.36 -12.61
CA THR F 89 -18.29 -17.13 -13.15
C THR F 89 -17.51 -17.79 -12.04
N LEU F 90 -17.30 -17.08 -10.93
CA LEU F 90 -16.62 -17.67 -9.78
C LEU F 90 -17.42 -18.84 -9.22
N LEU F 91 -18.75 -18.69 -9.14
CA LEU F 91 -19.57 -19.79 -8.68
C LEU F 91 -19.43 -21.01 -9.58
N TYR F 92 -19.46 -20.79 -10.90
CA TYR F 92 -19.31 -21.90 -11.84
C TYR F 92 -17.96 -22.57 -11.68
N LEU F 93 -16.90 -21.77 -11.54
CA LEU F 93 -15.57 -22.34 -11.38
C LEU F 93 -15.46 -23.16 -10.11
N ALA F 94 -15.98 -22.65 -9.00
CA ALA F 94 -15.91 -23.40 -7.75
C ALA F 94 -16.71 -24.70 -7.84
N HIS F 95 -17.90 -24.64 -8.46
CA HIS F 95 -18.72 -25.84 -8.58
C HIS F 95 -18.03 -26.89 -9.41
N VAL F 96 -17.47 -26.49 -10.56
CA VAL F 96 -16.82 -27.47 -11.42
C VAL F 96 -15.57 -28.03 -10.76
N PHE F 97 -14.84 -27.20 -10.01
CA PHE F 97 -13.67 -27.68 -9.30
C PHE F 97 -14.05 -28.73 -8.25
N TYR F 98 -15.11 -28.46 -7.49
CA TYR F 98 -15.52 -29.40 -6.46
C TYR F 98 -16.02 -30.71 -7.07
N VAL F 99 -16.81 -30.63 -8.15
CA VAL F 99 -17.30 -31.87 -8.74
C VAL F 99 -16.16 -32.64 -9.39
N MET F 100 -15.16 -31.94 -9.95
CA MET F 100 -14.02 -32.64 -10.51
C MET F 100 -13.22 -33.35 -9.42
N ARG F 101 -13.04 -32.70 -8.27
CA ARG F 101 -12.37 -33.38 -7.15
C ARG F 101 -13.17 -34.59 -6.69
N LYS F 102 -14.50 -34.46 -6.63
CA LYS F 102 -15.33 -35.59 -6.23
C LYS F 102 -15.18 -36.76 -7.19
N GLU F 103 -15.19 -36.47 -8.50
CA GLU F 103 -15.02 -37.52 -9.49
C GLU F 103 -13.63 -38.14 -9.40
N GLU F 104 -12.61 -37.32 -9.15
CA GLU F 104 -11.27 -37.86 -8.98
C GLU F 104 -11.19 -38.80 -7.79
N LYS F 105 -11.80 -38.43 -6.67
CA LYS F 105 -11.81 -39.32 -5.51
C LYS F 105 -12.58 -40.61 -5.81
N LEU F 106 -13.72 -40.49 -6.51
CA LEU F 106 -14.51 -41.67 -6.83
C LEU F 106 -13.73 -42.62 -7.74
N ASN F 107 -13.03 -42.10 -8.74
CA ASN F 107 -12.28 -42.97 -9.63
C ASN F 107 -11.01 -43.50 -8.97
N LYS F 108 -10.46 -42.76 -8.00
CA LYS F 108 -9.31 -43.26 -7.26
C LYS F 108 -9.70 -44.41 -6.34
N LYS F 109 -10.88 -44.32 -5.72
CA LYS F 109 -11.32 -45.42 -4.85
C LYS F 109 -11.67 -46.66 -5.65
N GLU F 110 -12.10 -46.50 -6.89
CA GLU F 110 -12.52 -47.62 -7.74
C GLU F 110 -11.47 -47.95 -8.79
N GLU F 111 -10.19 -47.85 -8.43
CA GLU F 111 -9.11 -48.12 -9.37
C GLU F 111 -9.06 -49.60 -9.76
N ARG F 148 -26.85 -34.86 -22.63
CA ARG F 148 -26.01 -33.77 -22.17
C ARG F 148 -26.82 -32.76 -21.37
N GLY F 149 -26.16 -32.04 -20.47
CA GLY F 149 -26.83 -31.05 -19.65
C GLY F 149 -26.34 -31.02 -18.22
N GLY F 150 -25.45 -31.96 -17.88
CA GLY F 150 -24.91 -31.97 -16.53
C GLY F 150 -24.06 -30.76 -16.22
N LEU F 151 -23.44 -30.17 -17.24
CA LEU F 151 -22.65 -28.96 -17.08
C LEU F 151 -23.09 -27.82 -17.98
N LEU F 152 -23.65 -28.12 -19.16
CA LEU F 152 -24.05 -27.07 -20.08
C LEU F 152 -25.21 -26.25 -19.52
N ARG F 153 -26.10 -26.89 -18.77
CA ARG F 153 -27.24 -26.16 -18.20
C ARG F 153 -26.78 -25.06 -17.26
N THR F 154 -25.83 -25.37 -16.37
CA THR F 154 -25.29 -24.36 -15.47
C THR F 154 -24.55 -23.27 -16.23
N TYR F 155 -23.85 -23.65 -17.29
CA TYR F 155 -23.14 -22.68 -18.12
C TYR F 155 -24.11 -21.68 -18.74
N ILE F 156 -25.21 -22.19 -19.31
CA ILE F 156 -26.21 -21.31 -19.91
C ILE F 156 -26.87 -20.45 -18.86
N ILE F 157 -27.12 -21.01 -17.67
CA ILE F 157 -27.72 -20.24 -16.59
C ILE F 157 -26.80 -19.07 -16.22
N SER F 158 -25.50 -19.34 -16.09
CA SER F 158 -24.56 -18.28 -15.76
C SER F 158 -24.53 -17.21 -16.83
N ILE F 159 -24.51 -17.62 -18.10
CA ILE F 159 -24.46 -16.65 -19.19
C ILE F 159 -25.69 -15.76 -19.19
N LEU F 160 -26.87 -16.36 -19.04
CA LEU F 160 -28.10 -15.57 -19.05
C LEU F 160 -28.18 -14.67 -17.83
N PHE F 161 -27.68 -15.13 -16.68
CA PHE F 161 -27.66 -14.28 -15.50
C PHE F 161 -26.76 -13.07 -15.72
N LYS F 162 -25.59 -13.28 -16.31
CA LYS F 162 -24.70 -12.16 -16.60
C LYS F 162 -25.37 -11.16 -17.53
N SER F 163 -26.01 -11.67 -18.58
CA SER F 163 -26.65 -10.78 -19.56
C SER F 163 -27.78 -9.99 -18.91
N ILE F 164 -28.63 -10.65 -18.13
CA ILE F 164 -29.77 -9.96 -17.55
C ILE F 164 -29.31 -8.95 -16.51
N PHE F 165 -28.27 -9.28 -15.73
CA PHE F 165 -27.79 -8.32 -14.74
C PHE F 165 -27.19 -7.10 -15.41
N GLU F 166 -26.38 -7.29 -16.45
CA GLU F 166 -25.78 -6.13 -17.10
C GLU F 166 -26.82 -5.26 -17.77
N VAL F 167 -27.81 -5.88 -18.43
CA VAL F 167 -28.84 -5.06 -19.09
C VAL F 167 -29.70 -4.34 -18.05
N ALA F 168 -29.97 -4.99 -16.91
CA ALA F 168 -30.74 -4.33 -15.86
C ALA F 168 -29.98 -3.14 -15.29
N PHE F 169 -28.68 -3.29 -15.06
CA PHE F 169 -27.88 -2.17 -14.56
C PHE F 169 -27.85 -1.03 -15.56
N LEU F 170 -27.70 -1.35 -16.85
CA LEU F 170 -27.72 -0.30 -17.86
C LEU F 170 -29.06 0.42 -17.89
N LEU F 171 -30.16 -0.33 -17.80
CA LEU F 171 -31.48 0.30 -17.81
C LEU F 171 -31.66 1.20 -16.59
N ILE F 172 -31.20 0.74 -15.41
CA ILE F 172 -31.32 1.56 -14.21
C ILE F 172 -30.52 2.84 -14.35
N GLN F 173 -29.29 2.73 -14.89
CA GLN F 173 -28.47 3.93 -15.07
C GLN F 173 -29.11 4.90 -16.05
N TRP F 174 -29.71 4.37 -17.11
CA TRP F 174 -30.43 5.24 -18.04
C TRP F 174 -31.62 5.91 -17.37
N TYR F 175 -32.32 5.19 -16.51
CA TYR F 175 -33.53 5.72 -15.88
C TYR F 175 -33.21 6.78 -14.83
N ILE F 176 -32.12 6.62 -14.09
CA ILE F 176 -31.85 7.50 -12.97
C ILE F 176 -31.04 8.72 -13.39
N TYR F 177 -29.83 8.50 -13.89
CA TYR F 177 -28.93 9.60 -14.19
C TYR F 177 -28.94 10.04 -15.64
N GLY F 178 -29.42 9.20 -16.55
CA GLY F 178 -29.22 9.55 -17.94
C GLY F 178 -27.76 9.42 -18.31
N PHE F 179 -27.39 10.06 -19.40
CA PHE F 179 -26.02 10.01 -19.91
C PHE F 179 -25.51 11.39 -20.27
N SER F 180 -25.85 12.39 -19.46
CA SER F 180 -25.35 13.75 -19.66
C SER F 180 -25.43 14.49 -18.34
N LEU F 181 -24.45 15.34 -18.09
CA LEU F 181 -24.38 16.14 -16.87
C LEU F 181 -24.23 17.61 -17.23
N SER F 182 -25.03 18.45 -16.58
CA SER F 182 -24.97 19.89 -16.79
C SER F 182 -24.32 20.55 -15.58
N ALA F 183 -23.52 21.58 -15.85
CA ALA F 183 -22.76 22.25 -14.79
C ALA F 183 -23.63 23.02 -13.81
N VAL F 184 -24.89 23.28 -14.16
CA VAL F 184 -25.80 24.05 -13.31
C VAL F 184 -26.98 23.16 -12.95
N TYR F 185 -27.31 23.13 -11.65
CA TYR F 185 -28.43 22.33 -11.16
C TYR F 185 -29.33 23.21 -10.28
N THR F 186 -30.63 22.92 -10.34
CA THR F 186 -31.62 23.64 -9.57
C THR F 186 -32.13 22.76 -8.44
N CYS F 187 -32.11 23.29 -7.23
CA CYS F 187 -32.48 22.56 -6.02
C CYS F 187 -33.71 23.21 -5.40
N LYS F 188 -34.72 22.40 -5.09
CA LYS F 188 -35.99 22.87 -4.54
C LYS F 188 -36.41 21.99 -3.37
N ARG F 189 -35.49 21.76 -2.44
CA ARG F 189 -35.74 20.90 -1.30
C ARG F 189 -35.59 21.70 -0.01
N ASP F 190 -36.37 21.32 0.99
CA ASP F 190 -36.31 21.98 2.29
C ASP F 190 -34.96 21.73 2.96
N PRO F 191 -34.49 22.65 3.80
CA PRO F 191 -35.12 23.93 4.18
C PRO F 191 -34.70 25.08 3.27
N CYS F 192 -34.15 24.80 2.10
CA CYS F 192 -33.75 25.86 1.20
C CYS F 192 -34.98 26.64 0.72
N PRO F 193 -34.93 27.97 0.73
CA PRO F 193 -36.06 28.75 0.23
C PRO F 193 -36.26 28.55 -1.26
N HIS F 194 -37.53 28.60 -1.67
CA HIS F 194 -38.00 28.37 -3.04
C HIS F 194 -37.04 27.52 -3.88
N GLN F 195 -36.16 28.17 -4.63
CA GLN F 195 -35.22 27.49 -5.50
C GLN F 195 -33.83 28.07 -5.31
N VAL F 196 -32.82 27.21 -5.40
CA VAL F 196 -31.42 27.62 -5.32
C VAL F 196 -30.66 26.98 -6.46
N ASP F 197 -29.49 27.55 -6.77
CA ASP F 197 -28.65 27.08 -7.84
C ASP F 197 -27.35 26.51 -7.29
N CYS F 198 -26.89 25.41 -7.89
CA CYS F 198 -25.65 24.76 -7.48
C CYS F 198 -24.83 24.42 -8.72
N PHE F 199 -23.53 24.30 -8.52
CA PHE F 199 -22.59 24.01 -9.60
C PHE F 199 -21.79 22.76 -9.26
N LEU F 200 -21.62 21.91 -10.26
CA LEU F 200 -20.84 20.69 -10.10
C LEU F 200 -19.37 20.96 -10.42
N SER F 201 -18.59 19.90 -10.56
CA SER F 201 -17.18 20.01 -10.89
C SER F 201 -16.85 19.09 -12.05
N ARG F 202 -15.98 19.57 -12.95
CA ARG F 202 -15.47 18.89 -14.14
C ARG F 202 -16.52 17.97 -14.79
N PRO F 203 -17.67 18.51 -15.20
CA PRO F 203 -18.71 17.64 -15.78
C PRO F 203 -18.27 16.95 -17.08
N THR F 204 -17.43 17.60 -17.89
CA THR F 204 -17.03 17.01 -19.17
C THR F 204 -16.28 15.71 -18.97
N GLU F 205 -15.34 15.70 -18.02
CA GLU F 205 -14.55 14.48 -17.77
C GLU F 205 -15.44 13.34 -17.31
N LYS F 206 -16.38 13.62 -16.40
CA LYS F 206 -17.29 12.60 -15.93
C LYS F 206 -18.18 12.09 -17.04
N THR F 207 -18.64 12.99 -17.93
CA THR F 207 -19.45 12.57 -19.06
C THR F 207 -18.67 11.65 -19.98
N ILE F 208 -17.40 11.99 -20.25
CA ILE F 208 -16.57 11.16 -21.11
C ILE F 208 -16.39 9.78 -20.51
N PHE F 209 -16.12 9.72 -19.20
CA PHE F 209 -15.94 8.42 -18.56
C PHE F 209 -17.23 7.62 -18.53
N ILE F 210 -18.37 8.30 -18.37
CA ILE F 210 -19.67 7.61 -18.42
C ILE F 210 -19.89 6.99 -19.79
N ILE F 211 -19.56 7.74 -20.84
CA ILE F 211 -19.70 7.19 -22.20
C ILE F 211 -18.78 6.00 -22.39
N PHE F 212 -17.56 6.08 -21.86
CA PHE F 212 -16.62 4.98 -21.99
C PHE F 212 -17.16 3.72 -21.31
N MET F 213 -17.68 3.87 -20.08
CA MET F 213 -18.25 2.73 -19.39
C MET F 213 -19.45 2.17 -20.15
N LEU F 214 -20.27 3.05 -20.73
CA LEU F 214 -21.43 2.61 -21.49
C LEU F 214 -21.01 1.75 -22.67
N VAL F 215 -20.02 2.22 -23.44
CA VAL F 215 -19.61 1.47 -24.62
C VAL F 215 -18.95 0.15 -24.22
N VAL F 216 -18.19 0.14 -23.12
CA VAL F 216 -17.61 -1.11 -22.65
C VAL F 216 -18.69 -2.11 -22.27
N SER F 217 -19.73 -1.64 -21.56
CA SER F 217 -20.82 -2.52 -21.18
C SER F 217 -21.56 -3.04 -22.41
N LEU F 218 -21.76 -2.17 -23.41
CA LEU F 218 -22.41 -2.62 -24.65
C LEU F 218 -21.59 -3.71 -25.34
N VAL F 219 -20.27 -3.54 -25.39
CA VAL F 219 -19.42 -4.56 -26.00
C VAL F 219 -19.54 -5.87 -25.22
N SER F 220 -19.53 -5.79 -23.89
CA SER F 220 -19.66 -7.00 -23.08
C SER F 220 -20.98 -7.71 -23.35
N LEU F 221 -22.08 -6.95 -23.41
CA LEU F 221 -23.38 -7.55 -23.69
C LEU F 221 -23.42 -8.19 -25.06
N ALA F 222 -22.83 -7.53 -26.05
CA ALA F 222 -22.79 -8.09 -27.40
C ALA F 222 -22.01 -9.40 -27.42
N LEU F 223 -20.86 -9.43 -26.75
CA LEU F 223 -20.07 -10.66 -26.70
C LEU F 223 -20.85 -11.79 -26.02
N ASN F 224 -21.51 -11.48 -24.90
CA ASN F 224 -22.26 -12.51 -24.20
C ASN F 224 -23.40 -13.05 -25.05
N ILE F 225 -24.13 -12.15 -25.72
CA ILE F 225 -25.25 -12.62 -26.53
C ILE F 225 -24.76 -13.41 -27.74
N ILE F 226 -23.61 -13.04 -28.31
CA ILE F 226 -23.04 -13.81 -29.41
C ILE F 226 -22.68 -15.21 -28.95
N GLU F 227 -22.05 -15.31 -27.76
CA GLU F 227 -21.70 -16.62 -27.23
C GLU F 227 -22.95 -17.47 -27.00
N LEU F 228 -23.99 -16.86 -26.42
CA LEU F 228 -25.23 -17.61 -26.17
C LEU F 228 -25.86 -18.07 -27.48
N PHE F 229 -25.88 -17.19 -28.49
CA PHE F 229 -26.44 -17.57 -29.79
C PHE F 229 -25.66 -18.72 -30.40
N TYR F 230 -24.32 -18.66 -30.32
CA TYR F 230 -23.51 -19.74 -30.89
C TYR F 230 -23.78 -21.06 -30.19
N VAL F 231 -23.80 -21.05 -28.85
CA VAL F 231 -23.97 -22.32 -28.14
C VAL F 231 -25.37 -22.89 -28.38
N PHE F 232 -26.38 -22.02 -28.42
CA PHE F 232 -27.72 -22.52 -28.70
C PHE F 232 -27.84 -23.06 -30.12
N PHE F 233 -27.23 -22.36 -31.09
CA PHE F 233 -27.28 -22.82 -32.47
C PHE F 233 -26.58 -24.16 -32.62
N LYS F 234 -25.46 -24.36 -31.94
CA LYS F 234 -24.78 -25.65 -32.00
C LYS F 234 -25.57 -26.73 -31.27
N GLY F 235 -26.26 -26.37 -30.18
CA GLY F 235 -27.05 -27.35 -29.46
C GLY F 235 -28.31 -27.76 -30.21
N VAL F 236 -28.83 -26.89 -31.08
CA VAL F 236 -29.98 -27.25 -31.90
C VAL F 236 -29.63 -28.40 -32.83
N LYS F 237 -28.45 -28.33 -33.45
CA LYS F 237 -28.02 -29.38 -34.37
C LYS F 237 -27.70 -30.70 -33.68
N ASP F 238 -27.61 -30.70 -32.34
CA ASP F 238 -27.31 -31.90 -31.57
C ASP F 238 -26.00 -32.55 -32.00
#